data_8IER
#
_entry.id   8IER
#
_cell.length_a   1.00
_cell.length_b   1.00
_cell.length_c   1.00
_cell.angle_alpha   90.00
_cell.angle_beta   90.00
_cell.angle_gamma   90.00
#
_symmetry.space_group_name_H-M   'P 1'
#
loop_
_entity.id
_entity.type
_entity.pdbx_description
1 polymer 'Polyamine-transporting ATPase 13A2'
2 non-polymer SPERMINE
#
_entity_poly.entity_id   1
_entity_poly.type   'polypeptide(L)'
_entity_poly.pdbx_seq_one_letter_code
;MSADSSPLVGSTPTGYGTLTIGTSIDPLSSSVSSVRLSGYCGSPWRVIGYHVVVWMMAGIPLLLFRWKPLWGVRLRLRPC
NLAHAETLVIEIRDKEDSSWQLFTVQVQTEAIGEGSLEPSPQSQAEDGRSQAAVGAVPEGAWKDTAQLHKSEEAVSVGQK
RVLRYYLFQGQRYIWIETQQAFYQVSLLDHGRSCDDVHRSRHGLSLQDQMVRKAIYGPNVISIPVKSYPQLLVDEALNPY
YGFQAFSIALWLADHYYWYALCIFLISSISICLSLYKTRKQSQTLRDMVKLSMRVCVCRPGGEEEWVDSSELVPGDCLVL
PQEGGLMPCDAALVAGECMVNESSLTGESIPVLKTALPEGLGPYCAETHRRHTLFCGTLILQARAYVGPHVLAVVTRTGF
CTAKGGLVSSILHPRPINFKFYKHSMKFVAALSVLALLGTIYSIFILYRNRVPLNEIVIRALDLVTVVVPPALPAAMTVC
TLYAQSRLRRQGIFCIHPLRINLGGKLQLVCFDKTGTLTEDGLDVMGVVPLKGQAFLPLVPEPRRLPVGPLLRALATCHA
LSRLQDTPVGDPMDLKMVESTGWVLEEEPAADSAFGTQVLAVMRPPLWEPQLQAMEEPPVPVSVLHRFPFSSALQRMSVV
VAWPGATQPEAYVKGSPELVAGLCNPETVPTDFAQMLQSYTAAGYRVVALASKPLPTVPSLEAAQQLTRDTVEGDLSLLG
LLVMRNLLKPQTTPVIQALRRTRIRAVMVTGDNLQTAVTVARGCGMVAPQEHLIIVHATHPERGQPASLEFLPMESPTAV
NGVKDPDQAASYTVEPDPRSRHLALSGPTFGIIVKHFPKLLPKVLVQGTVFARMAPEQKTELVCELQKLQYCVGMCGDGA
NDCGALKAADVGISLSQAEASVVSPFTSSMASIECVPMVIREGRCSLDTSFSVFKYMALYSLTQFISVLILYTINTNLGD
LQFLAIDLVITTTVAVLMSRTGPALVLGRVRPPGALLSVPVLSSLLLQMVLVTGVQLGGYFLTLAQPWFVPLNRTVAAPD
NLPNYENTVVFSLSSFQYLILAAAVSKGAPFRRPLYTNVPFLVALALLSSVLVGLVLVPGLLQGPLALRNITDTGFKLLL
LGLVTLNFVGAFMLESVLDQCLPACLRRLRPKRASKKRFKQLERELAEQPWPPLPAGPLR
;
_entity_poly.pdbx_strand_id   P
#
# COMPACT_ATOMS: atom_id res chain seq x y z
N ARG A 36 -10.02 15.98 12.64
CA ARG A 36 -9.61 17.08 13.55
C ARG A 36 -10.80 17.56 14.38
N LEU A 37 -11.56 18.51 13.84
CA LEU A 37 -12.73 19.05 14.50
C LEU A 37 -13.88 19.14 13.50
N SER A 38 -15.08 18.84 13.97
CA SER A 38 -16.28 18.88 13.12
C SER A 38 -17.49 19.10 14.02
N GLY A 39 -18.68 18.94 13.45
CA GLY A 39 -19.91 19.12 14.18
C GLY A 39 -20.91 18.04 13.84
N TYR A 40 -21.85 17.83 14.76
CA TYR A 40 -22.89 16.83 14.61
C TYR A 40 -24.25 17.52 14.56
N CYS A 41 -25.08 17.11 13.61
CA CYS A 41 -26.43 17.67 13.47
C CYS A 41 -27.29 16.68 12.72
N GLY A 42 -28.60 16.84 12.86
CA GLY A 42 -29.53 15.97 12.18
C GLY A 42 -30.95 16.22 12.64
N SER A 43 -31.86 15.42 12.10
CA SER A 43 -33.27 15.52 12.45
C SER A 43 -34.01 14.27 11.97
N PRO A 44 -35.10 13.87 12.64
CA PRO A 44 -35.82 12.66 12.21
C PRO A 44 -36.88 12.96 11.17
N TRP A 45 -37.53 11.91 10.67
CA TRP A 45 -38.60 12.07 9.70
C TRP A 45 -39.87 12.54 10.40
N ARG A 46 -40.67 13.33 9.68
CA ARG A 46 -41.91 13.85 10.25
C ARG A 46 -43.04 12.84 10.15
N VAL A 47 -43.27 12.28 8.95
CA VAL A 47 -44.31 11.30 8.74
C VAL A 47 -43.87 10.33 7.65
N ILE A 48 -44.70 9.32 7.38
CA ILE A 48 -44.43 8.34 6.33
C ILE A 48 -45.68 8.21 5.47
N GLY A 49 -45.48 7.89 4.19
CA GLY A 49 -46.57 7.73 3.26
C GLY A 49 -46.30 8.32 1.90
N TYR A 50 -45.48 9.39 1.86
CA TYR A 50 -45.14 10.04 0.61
C TYR A 50 -43.64 10.30 0.47
N HIS A 51 -42.84 10.02 1.48
CA HIS A 51 -41.39 10.22 1.36
C HIS A 51 -40.81 9.33 0.28
N VAL A 52 -41.24 8.07 0.22
CA VAL A 52 -40.75 7.17 -0.82
C VAL A 52 -41.18 7.65 -2.20
N VAL A 53 -42.40 8.16 -2.30
CA VAL A 53 -42.88 8.69 -3.59
C VAL A 53 -42.02 9.87 -4.03
N VAL A 54 -41.73 10.78 -3.09
CA VAL A 54 -40.90 11.94 -3.42
C VAL A 54 -39.51 11.49 -3.84
N TRP A 55 -38.94 10.52 -3.12
CA TRP A 55 -37.62 10.02 -3.48
C TRP A 55 -37.60 9.42 -4.88
N MET A 56 -38.62 8.61 -5.20
CA MET A 56 -38.68 7.99 -6.52
C MET A 56 -38.84 9.03 -7.61
N MET A 57 -39.74 10.00 -7.40
CA MET A 57 -39.95 11.04 -8.41
C MET A 57 -38.70 11.88 -8.60
N ALA A 58 -38.02 12.24 -7.51
CA ALA A 58 -36.80 13.04 -7.57
C ALA A 58 -35.55 12.17 -7.49
N GLY A 59 -35.65 10.92 -7.92
CA GLY A 59 -34.48 10.04 -7.87
C GLY A 59 -33.39 10.45 -8.84
N ILE A 60 -33.77 10.85 -10.06
CA ILE A 60 -32.77 11.13 -11.10
C ILE A 60 -31.82 12.25 -10.68
N PRO A 61 -32.29 13.42 -10.21
CA PRO A 61 -31.34 14.46 -9.78
C PRO A 61 -30.44 14.01 -8.64
N LEU A 62 -30.91 13.12 -7.78
CA LEU A 62 -30.12 12.70 -6.63
C LEU A 62 -28.86 11.95 -7.03
N LEU A 63 -28.80 11.42 -8.25
CA LEU A 63 -27.62 10.70 -8.69
C LEU A 63 -26.39 11.61 -8.71
N LEU A 64 -26.57 12.86 -9.15
CA LEU A 64 -25.47 13.80 -9.24
C LEU A 64 -25.13 14.44 -7.90
N PHE A 65 -25.89 14.17 -6.85
CA PHE A 65 -25.65 14.73 -5.52
C PHE A 65 -24.79 13.82 -4.65
N ARG A 66 -24.29 12.71 -5.19
CA ARG A 66 -23.46 11.82 -4.41
C ARG A 66 -22.19 12.53 -3.95
N TRP A 67 -21.56 13.31 -4.84
CA TRP A 67 -20.39 14.08 -4.47
C TRP A 67 -20.82 15.41 -3.85
N LYS A 68 -20.11 15.81 -2.79
CA LYS A 68 -20.43 17.02 -2.05
C LYS A 68 -21.86 16.95 -1.51
N PRO A 69 -22.14 16.07 -0.55
CA PRO A 69 -23.50 16.01 0.02
C PRO A 69 -23.92 17.25 0.78
N LEU A 70 -23.08 18.29 0.86
CA LEU A 70 -23.42 19.47 1.63
C LEU A 70 -24.70 20.12 1.11
N TRP A 71 -24.85 20.21 -0.21
CA TRP A 71 -26.04 20.83 -0.77
C TRP A 71 -27.29 20.01 -0.48
N GLY A 72 -27.14 18.70 -0.29
CA GLY A 72 -28.31 17.84 -0.08
C GLY A 72 -28.93 17.98 1.29
N VAL A 73 -28.18 18.44 2.29
CA VAL A 73 -28.73 18.55 3.64
C VAL A 73 -29.76 19.66 3.74
N ARG A 74 -29.76 20.61 2.81
CA ARG A 74 -30.69 21.73 2.82
C ARG A 74 -32.04 21.40 2.18
N LEU A 75 -32.20 20.19 1.67
CA LEU A 75 -33.45 19.80 1.02
C LEU A 75 -34.49 19.43 2.08
N ARG A 76 -35.60 18.83 1.64
CA ARG A 76 -36.66 18.44 2.57
C ARG A 76 -36.23 17.33 3.52
N LEU A 77 -35.10 16.67 3.26
CA LEU A 77 -34.66 15.59 4.13
C LEU A 77 -34.34 16.08 5.54
N ARG A 78 -34.13 17.38 5.72
CA ARG A 78 -33.76 17.97 7.02
C ARG A 78 -34.84 18.97 7.43
N PRO A 79 -35.82 18.54 8.23
CA PRO A 79 -36.84 19.50 8.72
C PRO A 79 -36.36 20.38 9.85
N CYS A 80 -35.10 20.26 10.28
CA CYS A 80 -34.51 21.11 11.31
C CYS A 80 -35.32 21.03 12.62
N ASN A 81 -35.34 19.83 13.19
CA ASN A 81 -35.96 19.60 14.48
C ASN A 81 -34.94 19.83 15.59
N LEU A 82 -35.33 19.53 16.83
CA LEU A 82 -34.42 19.69 17.96
C LEU A 82 -33.25 18.71 17.85
N ALA A 83 -32.09 19.16 18.31
CA ALA A 83 -30.89 18.34 18.25
C ALA A 83 -30.87 17.21 19.27
N HIS A 84 -31.71 17.30 20.31
CA HIS A 84 -31.72 16.25 21.32
C HIS A 84 -32.27 14.94 20.78
N ALA A 85 -33.17 15.00 19.80
CA ALA A 85 -33.77 13.82 19.20
C ALA A 85 -33.63 13.95 17.68
N GLU A 86 -32.67 13.23 17.11
CA GLU A 86 -32.40 13.26 15.68
C GLU A 86 -32.54 11.90 15.02
N THR A 87 -32.04 10.84 15.65
CA THR A 87 -32.06 9.48 15.10
C THR A 87 -31.23 9.36 13.83
N LEU A 88 -30.41 10.36 13.52
CA LEU A 88 -29.57 10.33 12.33
C LEU A 88 -28.45 11.36 12.51
N VAL A 89 -27.21 10.89 12.54
CA VAL A 89 -26.05 11.74 12.77
C VAL A 89 -25.46 12.11 11.42
N ILE A 90 -25.35 13.41 11.15
CA ILE A 90 -24.76 13.93 9.92
C ILE A 90 -23.57 14.80 10.32
N GLU A 91 -22.42 14.52 9.71
CA GLU A 91 -21.19 15.24 10.02
C GLU A 91 -21.05 16.43 9.08
N ILE A 92 -20.83 17.61 9.66
CA ILE A 92 -20.65 18.85 8.92
C ILE A 92 -19.19 19.26 9.04
N ARG A 93 -18.56 19.56 7.90
CA ARG A 93 -17.14 19.88 7.89
C ARG A 93 -16.91 21.26 8.51
N ASP A 94 -16.12 21.28 9.58
CA ASP A 94 -15.71 22.52 10.24
C ASP A 94 -14.20 22.71 10.20
N LYS A 95 -13.44 21.66 10.52
CA LYS A 95 -11.99 21.70 10.43
C LYS A 95 -11.39 20.47 9.76
N GLU A 96 -12.16 19.40 9.57
CA GLU A 96 -11.69 18.18 8.93
C GLU A 96 -12.46 17.98 7.64
N ASP A 97 -11.74 17.68 6.56
CA ASP A 97 -12.35 17.45 5.26
C ASP A 97 -12.69 15.97 5.10
N SER A 98 -13.06 15.58 3.88
CA SER A 98 -13.41 14.19 3.56
C SER A 98 -14.57 13.71 4.45
N SER A 99 -15.71 14.38 4.29
CA SER A 99 -16.90 14.02 5.05
C SER A 99 -17.43 12.66 4.60
N TRP A 100 -18.07 11.97 5.53
CA TRP A 100 -18.65 10.65 5.29
C TRP A 100 -20.11 10.65 5.76
N GLN A 101 -20.75 9.50 5.62
CA GLN A 101 -22.15 9.32 6.01
C GLN A 101 -22.23 8.35 7.18
N LEU A 102 -23.05 8.71 8.16
CA LEU A 102 -23.22 7.92 9.37
C LEU A 102 -24.66 7.43 9.47
N PHE A 103 -24.84 6.32 10.19
CA PHE A 103 -26.15 5.72 10.40
C PHE A 103 -26.36 5.46 11.89
N THR A 104 -27.59 5.70 12.35
CA THR A 104 -27.96 5.50 13.73
C THR A 104 -29.03 4.41 13.82
N VAL A 105 -28.85 3.47 14.74
CA VAL A 105 -29.78 2.36 14.93
C VAL A 105 -30.11 2.26 16.41
N GLN A 106 -31.27 1.69 16.70
CA GLN A 106 -31.76 1.51 18.07
C GLN A 106 -31.86 0.02 18.36
N VAL A 107 -31.28 -0.40 19.49
CA VAL A 107 -31.31 -1.80 19.88
C VAL A 107 -32.74 -2.22 20.23
N LEU A 163 -28.78 6.29 25.94
CA LEU A 163 -29.17 4.96 25.52
C LEU A 163 -28.95 4.76 24.03
N ARG A 164 -29.10 5.85 23.27
CA ARG A 164 -28.92 5.78 21.83
C ARG A 164 -27.44 5.58 21.50
N TYR A 165 -27.18 4.92 20.37
CA TYR A 165 -25.83 4.64 19.92
C TYR A 165 -25.80 4.58 18.40
N TYR A 166 -24.60 4.78 17.85
CA TYR A 166 -24.40 4.73 16.41
C TYR A 166 -22.99 4.27 16.12
N LEU A 167 -22.79 3.78 14.89
CA LEU A 167 -21.50 3.27 14.45
C LEU A 167 -20.83 4.26 13.51
N PHE A 168 -19.54 4.50 13.74
CA PHE A 168 -18.78 5.43 12.90
C PHE A 168 -17.36 4.88 12.77
N GLN A 169 -17.05 4.33 11.61
CA GLN A 169 -15.72 3.77 11.34
C GLN A 169 -15.37 2.69 12.36
N GLY A 170 -16.38 1.96 12.81
CA GLY A 170 -16.18 0.90 13.78
C GLY A 170 -16.05 1.35 15.22
N GLN A 171 -16.22 2.63 15.51
CA GLN A 171 -16.12 3.16 16.86
C GLN A 171 -17.52 3.37 17.42
N ARG A 172 -17.81 2.67 18.51
CA ARG A 172 -19.13 2.75 19.15
C ARG A 172 -19.20 4.01 20.01
N TYR A 173 -20.31 4.74 19.88
CA TYR A 173 -20.55 5.97 20.63
C TYR A 173 -21.84 5.83 21.41
N ILE A 174 -21.83 6.28 22.66
CA ILE A 174 -22.98 6.20 23.55
C ILE A 174 -23.51 7.61 23.78
N TRP A 175 -24.84 7.74 23.72
CA TRP A 175 -25.52 9.01 23.93
C TRP A 175 -26.20 9.00 25.29
N ILE A 176 -26.01 10.07 26.06
CA ILE A 176 -26.61 10.21 27.38
C ILE A 176 -27.38 11.51 27.42
N GLU A 177 -28.45 11.52 28.21
CA GLU A 177 -29.33 12.69 28.35
C GLU A 177 -28.92 13.58 29.51
N THR A 178 -27.86 13.24 30.23
CA THR A 178 -27.43 14.04 31.38
C THR A 178 -26.46 15.14 31.00
N GLN A 179 -25.64 14.94 29.97
CA GLN A 179 -24.65 15.92 29.55
C GLN A 179 -24.87 16.45 28.14
N GLN A 180 -25.76 15.85 27.35
CA GLN A 180 -26.02 16.28 25.99
C GLN A 180 -24.73 16.26 25.16
N ALA A 181 -24.18 15.06 25.01
CA ALA A 181 -22.96 14.86 24.24
C ALA A 181 -22.79 13.38 23.98
N PHE A 182 -21.88 13.06 23.06
CA PHE A 182 -21.54 11.69 22.70
C PHE A 182 -20.16 11.36 23.24
N TYR A 183 -20.06 10.22 23.93
CA TYR A 183 -18.81 9.81 24.57
C TYR A 183 -18.32 8.49 23.97
N GLN A 184 -17.04 8.23 24.17
CA GLN A 184 -16.39 7.05 23.61
C GLN A 184 -16.80 5.81 24.39
N VAL A 185 -16.12 4.69 24.13
CA VAL A 185 -16.46 3.43 24.78
C VAL A 185 -16.29 3.55 26.29
N SER A 186 -15.41 4.45 26.73
CA SER A 186 -15.18 4.66 28.16
C SER A 186 -16.07 5.81 28.63
N LEU A 187 -17.30 5.47 29.00
CA LEU A 187 -18.24 6.49 29.47
C LEU A 187 -17.74 7.13 30.76
N LEU A 188 -17.20 6.33 31.68
CA LEU A 188 -16.68 6.83 32.95
C LEU A 188 -15.25 6.39 33.20
N ASP A 189 -14.60 5.75 32.23
CA ASP A 189 -13.23 5.26 32.38
C ASP A 189 -12.22 6.15 31.66
N HIS A 190 -12.59 7.40 31.36
CA HIS A 190 -11.66 8.30 30.70
C HIS A 190 -10.41 8.53 31.54
N GLY A 191 -10.60 8.76 32.85
CA GLY A 191 -9.49 8.96 33.76
C GLY A 191 -8.98 7.65 34.33
N ARG A 192 -7.95 7.78 35.16
CA ARG A 192 -7.33 6.62 35.83
C ARG A 192 -7.85 6.58 37.26
N SER A 193 -8.92 5.81 37.46
CA SER A 193 -9.52 5.67 38.77
C SER A 193 -8.71 4.71 39.64
N CYS A 194 -9.01 4.72 40.94
CA CYS A 194 -8.32 3.87 41.88
C CYS A 194 -8.71 2.40 41.65
N ASP A 195 -7.82 1.51 42.08
CA ASP A 195 -8.03 0.08 41.94
C ASP A 195 -8.82 -0.52 43.10
N ASP A 196 -9.21 0.28 44.09
CA ASP A 196 -9.98 -0.24 45.21
C ASP A 196 -11.32 -0.79 44.74
N VAL A 197 -11.99 -0.08 43.83
CA VAL A 197 -13.27 -0.56 43.31
C VAL A 197 -13.08 -1.87 42.56
N HIS A 198 -12.00 -1.98 41.79
CA HIS A 198 -11.75 -3.22 41.04
C HIS A 198 -11.49 -4.38 41.98
N ARG A 199 -10.85 -4.12 43.12
CA ARG A 199 -10.58 -5.19 44.08
C ARG A 199 -11.83 -5.58 44.85
N SER A 200 -12.68 -4.61 45.17
CA SER A 200 -13.86 -4.86 45.99
C SER A 200 -15.03 -5.42 45.19
N ARG A 201 -14.91 -5.53 43.87
CA ARG A 201 -16.01 -6.04 43.06
C ARG A 201 -16.25 -7.50 43.39
N HIS A 202 -17.48 -7.96 43.14
CA HIS A 202 -17.88 -9.35 43.33
C HIS A 202 -18.62 -9.87 42.11
N GLY A 203 -18.09 -9.59 40.92
CA GLY A 203 -18.73 -10.06 39.71
C GLY A 203 -20.03 -9.32 39.43
N LEU A 204 -20.94 -10.02 38.77
CA LEU A 204 -22.24 -9.43 38.42
C LEU A 204 -23.07 -9.20 39.67
N SER A 205 -24.11 -8.38 39.52
CA SER A 205 -24.99 -8.03 40.62
C SER A 205 -26.44 -8.13 40.12
N LEU A 206 -27.36 -7.62 40.93
CA LEU A 206 -28.78 -7.66 40.60
C LEU A 206 -29.20 -6.60 39.58
N GLN A 207 -28.25 -5.92 38.96
CA GLN A 207 -28.59 -4.92 37.95
C GLN A 207 -29.28 -5.57 36.77
N ASP A 208 -30.21 -4.84 36.17
CA ASP A 208 -30.96 -5.35 35.03
C ASP A 208 -30.01 -5.68 33.88
N GLN A 209 -30.21 -6.86 33.27
CA GLN A 209 -29.36 -7.27 32.16
C GLN A 209 -29.72 -6.53 30.88
N MET A 210 -30.93 -5.96 30.80
CA MET A 210 -31.32 -5.24 29.59
C MET A 210 -30.42 -4.05 29.35
N VAL A 211 -30.12 -3.28 30.41
CA VAL A 211 -29.21 -2.15 30.26
C VAL A 211 -27.79 -2.65 30.01
N ARG A 212 -27.41 -3.74 30.66
CA ARG A 212 -26.06 -4.29 30.47
C ARG A 212 -25.89 -4.86 29.07
N LYS A 213 -27.00 -5.02 28.33
CA LYS A 213 -26.88 -5.39 26.92
C LYS A 213 -27.02 -4.18 26.01
N ALA A 214 -27.85 -3.22 26.41
CA ALA A 214 -27.94 -1.96 25.68
C ALA A 214 -26.62 -1.20 25.66
N ILE A 215 -25.77 -1.42 26.67
CA ILE A 215 -24.40 -0.93 26.64
C ILE A 215 -23.66 -1.70 25.56
N TYR A 216 -22.40 -1.31 25.31
CA TYR A 216 -21.73 -1.49 24.03
C TYR A 216 -21.87 -2.90 23.46
N GLY A 217 -22.26 -3.87 24.29
CA GLY A 217 -22.76 -5.13 23.79
C GLY A 217 -21.73 -6.22 23.63
N PRO A 218 -22.11 -7.28 22.90
CA PRO A 218 -21.25 -8.48 22.80
C PRO A 218 -19.90 -8.23 22.17
N ASN A 219 -19.05 -9.26 22.16
CA ASN A 219 -17.71 -9.18 21.59
C ASN A 219 -17.73 -9.80 20.20
N VAL A 220 -17.64 -8.96 19.17
CA VAL A 220 -17.55 -9.41 17.79
C VAL A 220 -16.69 -8.43 17.00
N ILE A 221 -16.44 -8.76 15.72
CA ILE A 221 -15.66 -7.91 14.84
C ILE A 221 -16.49 -7.61 13.61
N SER A 222 -16.13 -6.56 12.86
CA SER A 222 -16.88 -6.13 11.70
C SER A 222 -17.28 -7.30 10.82
N ILE A 223 -16.27 -8.00 10.27
CA ILE A 223 -16.44 -9.20 9.46
C ILE A 223 -17.72 -9.12 8.62
N PRO A 224 -17.83 -8.16 7.70
CA PRO A 224 -19.04 -8.07 6.88
C PRO A 224 -19.04 -9.12 5.78
N VAL A 225 -20.22 -9.71 5.58
CA VAL A 225 -20.43 -10.76 4.58
C VAL A 225 -21.62 -10.38 3.72
N LYS A 226 -21.46 -10.50 2.41
CA LYS A 226 -22.52 -10.19 1.46
C LYS A 226 -22.62 -11.30 0.41
N SER A 227 -23.82 -11.52 -0.09
CA SER A 227 -24.05 -12.52 -1.11
C SER A 227 -23.72 -11.95 -2.49
N TYR A 228 -23.61 -12.85 -3.47
CA TYR A 228 -23.27 -12.43 -4.82
C TYR A 228 -24.28 -11.46 -5.41
N PRO A 229 -25.60 -11.76 -5.44
CA PRO A 229 -26.54 -10.79 -6.00
C PRO A 229 -26.57 -9.48 -5.24
N GLN A 230 -26.46 -9.52 -3.91
CA GLN A 230 -26.51 -8.30 -3.12
C GLN A 230 -25.34 -7.39 -3.45
N LEU A 231 -24.12 -7.94 -3.47
CA LEU A 231 -22.95 -7.14 -3.81
C LEU A 231 -23.02 -6.67 -5.26
N LEU A 232 -23.54 -7.50 -6.15
CA LEU A 232 -23.66 -7.11 -7.55
C LEU A 232 -24.57 -5.90 -7.71
N VAL A 233 -25.73 -5.91 -7.02
CA VAL A 233 -26.64 -4.78 -7.12
C VAL A 233 -26.05 -3.56 -6.42
N ASP A 234 -25.34 -3.76 -5.31
CA ASP A 234 -24.75 -2.64 -4.60
C ASP A 234 -23.69 -1.95 -5.46
N GLU A 235 -22.86 -2.73 -6.16
CA GLU A 235 -21.80 -2.17 -6.99
C GLU A 235 -22.30 -1.64 -8.33
N ALA A 236 -23.55 -1.93 -8.70
CA ALA A 236 -24.07 -1.48 -9.98
C ALA A 236 -24.30 0.03 -10.02
N LEU A 237 -24.32 0.69 -8.86
CA LEU A 237 -24.56 2.13 -8.79
C LEU A 237 -23.28 2.95 -8.86
N ASN A 238 -22.12 2.32 -8.92
CA ASN A 238 -20.88 3.08 -9.01
C ASN A 238 -20.80 3.82 -10.34
N PRO A 239 -20.26 5.04 -10.36
CA PRO A 239 -20.17 5.78 -11.63
C PRO A 239 -19.35 5.07 -12.69
N TYR A 240 -18.28 4.36 -12.29
CA TYR A 240 -17.45 3.68 -13.27
C TYR A 240 -18.23 2.59 -14.00
N TYR A 241 -19.01 1.80 -13.26
CA TYR A 241 -19.80 0.74 -13.89
C TYR A 241 -21.02 1.30 -14.63
N GLY A 242 -21.63 2.37 -14.10
CA GLY A 242 -22.78 2.95 -14.77
C GLY A 242 -22.45 3.46 -16.16
N PHE A 243 -21.25 4.02 -16.33
CA PHE A 243 -20.84 4.52 -17.63
C PHE A 243 -20.79 3.40 -18.67
N GLN A 244 -20.27 2.24 -18.28
CA GLN A 244 -20.19 1.12 -19.21
C GLN A 244 -21.58 0.67 -19.67
N ALA A 245 -22.54 0.61 -18.75
CA ALA A 245 -23.90 0.21 -19.11
C ALA A 245 -24.50 1.17 -20.11
N PHE A 246 -24.35 2.48 -19.87
CA PHE A 246 -24.86 3.47 -20.80
C PHE A 246 -24.18 3.36 -22.16
N SER A 247 -22.85 3.17 -22.16
CA SER A 247 -22.13 3.06 -23.42
C SER A 247 -22.62 1.87 -24.23
N ILE A 248 -22.78 0.71 -23.58
CA ILE A 248 -23.23 -0.47 -24.31
C ILE A 248 -24.68 -0.30 -24.78
N ALA A 249 -25.52 0.34 -23.95
CA ALA A 249 -26.90 0.55 -24.35
C ALA A 249 -26.99 1.43 -25.58
N LEU A 250 -26.19 2.50 -25.64
CA LEU A 250 -26.19 3.36 -26.81
C LEU A 250 -25.53 2.67 -28.01
N TRP A 251 -24.54 1.80 -27.76
CA TRP A 251 -23.93 1.05 -28.85
C TRP A 251 -24.94 0.11 -29.50
N LEU A 252 -25.78 -0.54 -28.69
CA LEU A 252 -26.75 -1.48 -29.24
C LEU A 252 -27.72 -0.79 -30.19
N ALA A 253 -28.00 0.50 -29.96
CA ALA A 253 -28.93 1.22 -30.83
C ALA A 253 -28.38 1.45 -32.22
N ASP A 254 -27.06 1.30 -32.42
CA ASP A 254 -26.43 1.54 -33.71
C ASP A 254 -26.30 0.27 -34.54
N HIS A 255 -27.20 -0.69 -34.37
CA HIS A 255 -27.18 -1.94 -35.13
C HIS A 255 -25.87 -2.68 -34.92
N TYR A 256 -25.63 -3.06 -33.66
CA TYR A 256 -24.44 -3.82 -33.29
C TYR A 256 -24.83 -4.74 -32.13
N TYR A 257 -25.16 -5.99 -32.45
CA TYR A 257 -25.55 -6.98 -31.45
C TYR A 257 -24.44 -8.00 -31.19
N TRP A 258 -23.96 -8.68 -32.24
CA TRP A 258 -22.85 -9.60 -32.06
C TRP A 258 -21.53 -8.89 -31.82
N TYR A 259 -21.46 -7.59 -32.13
CA TYR A 259 -20.20 -6.87 -32.02
C TYR A 259 -19.95 -6.41 -30.58
N ALA A 260 -20.90 -5.67 -30.00
CA ALA A 260 -20.71 -5.11 -28.66
C ALA A 260 -21.07 -6.10 -27.55
N LEU A 261 -21.80 -7.17 -27.85
CA LEU A 261 -22.18 -8.11 -26.81
C LEU A 261 -20.96 -8.85 -26.27
N CYS A 262 -20.01 -9.20 -27.15
CA CYS A 262 -18.81 -9.90 -26.70
C CYS A 262 -17.99 -9.03 -25.75
N ILE A 263 -17.79 -7.77 -26.10
CA ILE A 263 -17.01 -6.89 -25.23
C ILE A 263 -17.78 -6.60 -23.95
N PHE A 264 -19.11 -6.50 -24.02
CA PHE A 264 -19.90 -6.33 -22.80
C PHE A 264 -19.74 -7.53 -21.87
N LEU A 265 -19.75 -8.74 -22.43
CA LEU A 265 -19.54 -9.94 -21.62
C LEU A 265 -18.13 -9.97 -21.03
N ILE A 266 -17.15 -9.51 -21.80
CA ILE A 266 -15.79 -9.41 -21.28
C ILE A 266 -15.74 -8.45 -20.09
N SER A 267 -16.41 -7.31 -20.22
CA SER A 267 -16.47 -6.36 -19.11
C SER A 267 -17.17 -6.97 -17.90
N SER A 268 -18.24 -7.73 -18.14
CA SER A 268 -18.96 -8.36 -17.03
C SER A 268 -18.09 -9.38 -16.31
N ILE A 269 -17.34 -10.19 -17.06
CA ILE A 269 -16.46 -11.16 -16.42
C ILE A 269 -15.32 -10.44 -15.71
N SER A 270 -14.87 -9.30 -16.24
CA SER A 270 -13.88 -8.51 -15.52
C SER A 270 -14.44 -7.99 -14.19
N ILE A 271 -15.70 -7.57 -14.20
CA ILE A 271 -16.35 -7.18 -12.95
C ILE A 271 -16.44 -8.37 -12.00
N CYS A 272 -16.67 -9.56 -12.55
CA CYS A 272 -16.66 -10.76 -11.71
C CYS A 272 -15.29 -11.01 -11.10
N LEU A 273 -14.22 -10.81 -11.86
CA LEU A 273 -12.88 -10.90 -11.32
C LEU A 273 -12.67 -9.87 -10.21
N SER A 274 -13.18 -8.65 -10.41
CA SER A 274 -13.07 -7.64 -9.35
C SER A 274 -13.84 -8.06 -8.11
N LEU A 275 -15.00 -8.68 -8.28
CA LEU A 275 -15.76 -9.20 -7.15
C LEU A 275 -14.96 -10.27 -6.40
N TYR A 276 -14.31 -11.16 -7.15
CA TYR A 276 -13.44 -12.15 -6.51
C TYR A 276 -12.29 -11.47 -5.78
N LYS A 277 -11.76 -10.40 -6.37
CA LYS A 277 -10.67 -9.65 -5.74
C LYS A 277 -11.10 -9.10 -4.39
N THR A 278 -12.28 -8.48 -4.34
CA THR A 278 -12.77 -7.89 -3.10
C THR A 278 -13.34 -8.93 -2.14
N ARG A 279 -13.62 -10.14 -2.60
CA ARG A 279 -14.08 -11.21 -1.72
C ARG A 279 -12.93 -11.98 -1.09
N LYS A 280 -11.81 -12.13 -1.81
CA LYS A 280 -10.66 -12.82 -1.23
C LYS A 280 -10.12 -12.09 -0.02
N GLN A 281 -10.05 -10.75 -0.11
CA GLN A 281 -9.59 -9.97 1.04
C GLN A 281 -10.54 -10.12 2.22
N SER A 282 -11.85 -10.13 1.96
CA SER A 282 -12.81 -10.33 3.04
C SER A 282 -12.62 -11.70 3.67
N GLN A 283 -12.37 -12.72 2.86
CA GLN A 283 -12.09 -14.05 3.40
C GLN A 283 -10.85 -14.05 4.27
N THR A 284 -9.79 -13.36 3.83
CA THR A 284 -8.56 -13.30 4.62
C THR A 284 -8.79 -12.57 5.93
N LEU A 285 -9.66 -11.55 5.93
CA LEU A 285 -9.94 -10.81 7.16
C LEU A 285 -10.42 -11.75 8.27
N ARG A 286 -11.05 -12.87 7.92
CA ARG A 286 -11.58 -13.80 8.91
C ARG A 286 -10.52 -14.74 9.47
N ASP A 287 -9.23 -14.42 9.30
CA ASP A 287 -8.17 -15.29 9.80
C ASP A 287 -7.86 -15.03 11.26
N MET A 288 -7.99 -13.79 11.73
CA MET A 288 -7.64 -13.43 13.09
C MET A 288 -8.74 -13.74 14.10
N VAL A 289 -9.94 -14.06 13.65
CA VAL A 289 -11.04 -14.34 14.56
C VAL A 289 -10.85 -15.73 15.17
N LYS A 290 -11.02 -15.81 16.49
CA LYS A 290 -10.87 -17.07 17.19
C LYS A 290 -12.16 -17.89 17.10
N LEU A 291 -12.08 -19.13 17.57
CA LEU A 291 -13.22 -20.03 17.59
C LEU A 291 -13.98 -19.90 18.91
N SER A 292 -15.29 -20.11 18.84
CA SER A 292 -16.12 -20.02 20.04
C SER A 292 -15.77 -21.12 21.02
N MET A 293 -15.77 -20.79 22.30
CA MET A 293 -15.48 -21.74 23.35
C MET A 293 -16.23 -21.36 24.61
N ARG A 294 -16.41 -22.34 25.49
CA ARG A 294 -17.14 -22.15 26.74
C ARG A 294 -16.14 -21.89 27.87
N VAL A 295 -16.39 -20.83 28.63
CA VAL A 295 -15.56 -20.46 29.77
C VAL A 295 -16.46 -20.19 30.96
N CYS A 296 -15.90 -20.36 32.16
CA CYS A 296 -16.65 -20.13 33.38
C CYS A 296 -16.84 -18.62 33.60
N VAL A 297 -18.03 -18.25 34.08
CA VAL A 297 -18.36 -16.87 34.38
C VAL A 297 -18.83 -16.81 35.83
N CYS A 298 -18.27 -15.87 36.60
CA CYS A 298 -18.62 -15.74 38.00
C CYS A 298 -19.99 -15.10 38.15
N ARG A 299 -20.71 -15.51 39.19
CA ARG A 299 -22.01 -14.96 39.52
C ARG A 299 -22.05 -14.60 41.00
N PRO A 300 -22.90 -13.65 41.38
CA PRO A 300 -22.82 -13.10 42.75
C PRO A 300 -23.05 -14.16 43.81
N GLY A 301 -22.30 -14.02 44.91
CA GLY A 301 -22.51 -14.78 46.13
C GLY A 301 -21.87 -16.16 46.18
N GLY A 302 -22.50 -17.17 45.59
CA GLY A 302 -22.00 -18.53 45.73
C GLY A 302 -22.21 -19.46 44.57
N GLU A 303 -22.68 -18.96 43.43
CA GLU A 303 -23.00 -19.79 42.28
C GLU A 303 -22.06 -19.48 41.11
N GLU A 304 -21.70 -20.53 40.38
CA GLU A 304 -20.83 -20.42 39.21
C GLU A 304 -21.49 -21.12 38.04
N GLU A 305 -21.36 -20.54 36.85
CA GLU A 305 -21.98 -21.06 35.65
C GLU A 305 -21.00 -20.97 34.49
N TRP A 306 -21.24 -21.81 33.48
CA TRP A 306 -20.44 -21.82 32.26
C TRP A 306 -21.28 -21.25 31.12
N VAL A 307 -20.66 -20.38 30.32
CA VAL A 307 -21.34 -19.74 29.19
C VAL A 307 -20.33 -19.57 28.06
N ASP A 308 -20.84 -19.51 26.84
CA ASP A 308 -19.99 -19.33 25.67
C ASP A 308 -19.40 -17.92 25.66
N SER A 309 -18.30 -17.77 24.94
CA SER A 309 -17.62 -16.48 24.85
C SER A 309 -18.39 -15.46 24.03
N SER A 310 -19.44 -15.88 23.33
CA SER A 310 -20.20 -14.95 22.49
C SER A 310 -20.86 -13.84 23.30
N GLU A 311 -21.07 -14.05 24.61
CA GLU A 311 -21.72 -13.07 25.47
C GLU A 311 -20.80 -12.70 26.62
N LEU A 312 -20.73 -11.41 26.93
CA LEU A 312 -19.94 -10.91 28.05
C LEU A 312 -20.29 -9.45 28.28
N VAL A 313 -20.30 -9.04 29.54
CA VAL A 313 -20.63 -7.66 29.91
C VAL A 313 -19.65 -7.17 30.96
N PRO A 314 -19.49 -5.86 31.08
CA PRO A 314 -18.57 -5.32 32.10
C PRO A 314 -18.97 -5.73 33.50
N GLY A 315 -17.96 -5.96 34.33
CA GLY A 315 -18.18 -6.26 35.73
C GLY A 315 -18.33 -7.74 36.03
N ASP A 316 -17.46 -8.57 35.45
CA ASP A 316 -17.49 -10.01 35.67
C ASP A 316 -16.06 -10.53 35.80
N CYS A 317 -15.91 -11.60 36.57
CA CYS A 317 -14.62 -12.26 36.73
C CYS A 317 -14.46 -13.26 35.58
N LEU A 318 -13.52 -12.99 34.69
CA LEU A 318 -13.29 -13.87 33.55
C LEU A 318 -12.44 -15.06 33.96
N VAL A 319 -12.65 -16.17 33.26
CA VAL A 319 -11.93 -17.42 33.50
C VAL A 319 -11.24 -17.84 32.20
N LEU A 320 -9.98 -18.21 32.31
CA LEU A 320 -9.17 -18.59 31.15
C LEU A 320 -8.65 -20.02 31.34
N PRO A 321 -9.38 -21.03 30.89
CA PRO A 321 -8.90 -22.42 31.05
C PRO A 321 -7.69 -22.69 30.18
N GLN A 322 -6.92 -23.71 30.60
CA GLN A 322 -5.71 -24.07 29.86
C GLN A 322 -6.03 -24.43 28.41
N GLU A 323 -7.22 -24.98 28.16
CA GLU A 323 -7.57 -25.35 26.79
C GLU A 323 -7.62 -24.13 25.89
N GLY A 324 -8.19 -23.03 26.36
CA GLY A 324 -8.26 -21.81 25.57
C GLY A 324 -6.91 -21.31 25.12
N GLY A 325 -6.79 -21.00 23.84
CA GLY A 325 -5.53 -20.51 23.30
C GLY A 325 -5.53 -19.00 23.12
N LEU A 326 -6.65 -18.45 22.64
CA LEU A 326 -6.81 -17.02 22.44
C LEU A 326 -7.77 -16.48 23.48
N MET A 327 -7.31 -15.51 24.26
CA MET A 327 -8.14 -14.92 25.30
C MET A 327 -9.25 -14.09 24.67
N PRO A 328 -10.52 -14.31 25.03
CA PRO A 328 -11.62 -13.66 24.30
C PRO A 328 -11.53 -12.14 24.27
N CYS A 329 -11.13 -11.52 25.38
CA CYS A 329 -11.08 -10.06 25.45
C CYS A 329 -10.06 -9.65 26.48
N ASP A 330 -9.64 -8.39 26.40
CA ASP A 330 -8.59 -7.89 27.27
C ASP A 330 -8.98 -8.02 28.73
N ALA A 331 -8.04 -8.49 29.55
CA ALA A 331 -8.27 -8.69 30.97
C ALA A 331 -6.99 -8.43 31.74
N ALA A 332 -7.13 -8.14 33.02
CA ALA A 332 -6.01 -7.89 33.91
C ALA A 332 -6.08 -8.87 35.08
N LEU A 333 -4.95 -9.53 35.35
CA LEU A 333 -4.91 -10.53 36.41
C LEU A 333 -5.10 -9.86 37.77
N VAL A 334 -5.91 -10.51 38.61
CA VAL A 334 -6.22 -9.97 39.94
C VAL A 334 -5.66 -10.93 41.00
N ALA A 335 -5.56 -12.20 40.67
CA ALA A 335 -5.04 -13.21 41.59
C ALA A 335 -4.25 -14.25 40.80
N GLY A 336 -3.34 -14.92 41.50
CA GLY A 336 -2.50 -15.90 40.86
C GLY A 336 -1.35 -15.27 40.10
N GLU A 337 -0.81 -16.04 39.15
CA GLU A 337 0.28 -15.56 38.30
C GLU A 337 0.12 -16.16 36.92
N CYS A 338 0.68 -15.46 35.93
CA CYS A 338 0.63 -15.90 34.54
C CYS A 338 1.98 -15.64 33.89
N MET A 339 2.28 -16.42 32.86
CA MET A 339 3.53 -16.31 32.11
C MET A 339 3.17 -16.27 30.63
N VAL A 340 2.94 -15.06 30.11
CA VAL A 340 2.59 -14.88 28.71
C VAL A 340 3.79 -15.22 27.83
N LYS A 354 2.72 -12.53 34.10
CA LYS A 354 2.08 -11.42 34.79
C LYS A 354 1.76 -11.80 36.23
N THR A 355 1.81 -10.82 37.12
CA THR A 355 1.58 -11.03 38.55
C THR A 355 0.32 -10.31 38.99
N ALA A 356 -0.09 -10.59 40.23
CA ALA A 356 -1.31 -10.02 40.80
C ALA A 356 -0.96 -8.72 41.54
N LEU A 357 -1.95 -8.18 42.26
CA LEU A 357 -1.77 -6.97 43.07
C LEU A 357 -2.35 -7.23 44.45
N PRO A 358 -1.73 -8.13 45.23
CA PRO A 358 -2.23 -8.42 46.58
C PRO A 358 -1.87 -7.35 47.60
N GLU A 359 -0.92 -6.47 47.30
CA GLU A 359 -0.51 -5.44 48.26
C GLU A 359 -1.35 -4.17 48.16
N GLY A 360 -1.97 -3.91 47.02
CA GLY A 360 -2.76 -2.72 46.85
C GLY A 360 -1.93 -1.54 46.36
N LEU A 361 -2.63 -0.55 45.82
CA LEU A 361 -1.98 0.65 45.31
C LEU A 361 -2.98 1.79 45.30
N GLY A 362 -2.46 3.01 45.19
CA GLY A 362 -3.28 4.19 45.14
C GLY A 362 -3.77 4.47 43.74
N PRO A 363 -3.66 5.72 43.28
CA PRO A 363 -4.06 6.04 41.91
C PRO A 363 -3.29 5.20 40.89
N TYR A 364 -3.99 4.77 39.84
CA TYR A 364 -3.38 3.94 38.82
C TYR A 364 -2.60 4.80 37.83
N CYS A 365 -1.34 4.44 37.61
CA CYS A 365 -0.48 5.15 36.67
C CYS A 365 -0.31 4.43 35.35
N ALA A 366 -0.31 3.09 35.37
CA ALA A 366 -0.16 2.29 34.15
C ALA A 366 1.17 2.55 33.46
N GLU A 367 2.18 3.00 34.23
CA GLU A 367 3.51 3.26 33.71
C GLU A 367 4.52 2.20 34.13
N THR A 368 4.65 1.95 35.44
CA THR A 368 5.56 0.95 35.96
C THR A 368 4.85 -0.34 36.36
N HIS A 369 3.52 -0.33 36.44
CA HIS A 369 2.74 -1.50 36.83
C HIS A 369 2.13 -2.22 35.64
N ARG A 370 2.82 -2.21 34.49
CA ARG A 370 2.32 -2.88 33.30
C ARG A 370 2.47 -4.40 33.39
N ARG A 371 3.14 -4.92 34.42
CA ARG A 371 3.32 -6.35 34.56
C ARG A 371 2.03 -7.08 34.93
N HIS A 372 0.98 -6.36 35.27
CA HIS A 372 -0.29 -6.97 35.65
C HIS A 372 -1.30 -7.05 34.51
N THR A 373 -1.30 -6.08 33.61
CA THR A 373 -2.24 -6.07 32.50
C THR A 373 -1.80 -7.02 31.41
N LEU A 374 -2.76 -7.75 30.84
CA LEU A 374 -2.51 -8.68 29.74
C LEU A 374 -3.42 -8.32 28.58
N PHE A 375 -2.84 -8.23 27.38
CA PHE A 375 -3.57 -7.86 26.19
C PHE A 375 -3.85 -9.09 25.32
N CYS A 376 -4.84 -8.95 24.43
CA CYS A 376 -5.23 -10.04 23.56
C CYS A 376 -4.26 -10.18 22.39
N GLY A 377 -4.42 -11.25 21.62
CA GLY A 377 -3.58 -11.52 20.49
C GLY A 377 -2.28 -12.24 20.80
N THR A 378 -2.04 -12.60 22.06
CA THR A 378 -0.83 -13.30 22.46
C THR A 378 -1.21 -14.60 23.15
N LEU A 379 -0.55 -15.69 22.74
CA LEU A 379 -0.82 -16.99 23.33
C LEU A 379 -0.29 -17.05 24.76
N ILE A 380 -0.83 -17.99 25.53
CA ILE A 380 -0.44 -18.20 26.92
C ILE A 380 0.34 -19.51 27.01
N LEU A 381 1.50 -19.45 27.66
CA LEU A 381 2.37 -20.63 27.78
C LEU A 381 2.05 -21.42 29.04
N GLN A 382 2.15 -20.78 30.19
CA GLN A 382 1.87 -21.44 31.46
C GLN A 382 1.31 -20.42 32.44
N ALA A 383 0.45 -20.90 33.34
CA ALA A 383 -0.18 -20.05 34.35
C ALA A 383 -0.16 -20.77 35.69
N ARG A 384 0.08 -20.01 36.76
CA ARG A 384 0.07 -20.53 38.12
C ARG A 384 -1.22 -20.06 38.78
N ALA A 385 -2.03 -21.01 39.24
CA ALA A 385 -3.33 -20.72 39.83
C ALA A 385 -3.26 -20.98 41.33
N TYR A 386 -3.63 -19.97 42.12
CA TYR A 386 -3.64 -20.15 43.57
C TYR A 386 -4.82 -21.01 44.02
N VAL A 387 -5.99 -20.80 43.42
CA VAL A 387 -7.19 -21.55 43.75
C VAL A 387 -7.63 -22.30 42.50
N GLY A 388 -7.59 -23.63 42.57
CA GLY A 388 -8.02 -24.46 41.47
C GLY A 388 -7.08 -24.32 40.27
N PRO A 389 -7.47 -24.91 39.14
CA PRO A 389 -6.68 -24.78 37.92
C PRO A 389 -7.05 -23.60 37.04
N HIS A 390 -7.93 -22.71 37.49
CA HIS A 390 -8.40 -21.57 36.71
C HIS A 390 -7.72 -20.30 37.23
N VAL A 391 -8.09 -19.16 36.64
CA VAL A 391 -7.51 -17.87 36.97
C VAL A 391 -8.63 -16.88 37.28
N LEU A 392 -8.24 -15.75 37.85
CA LEU A 392 -9.16 -14.66 38.17
C LEU A 392 -8.64 -13.38 37.53
N ALA A 393 -9.55 -12.60 36.95
CA ALA A 393 -9.17 -11.37 36.27
C ALA A 393 -10.36 -10.43 36.13
N VAL A 394 -10.18 -9.35 35.36
CA VAL A 394 -11.22 -8.36 35.14
C VAL A 394 -11.60 -8.36 33.67
N VAL A 395 -12.56 -7.53 33.30
CA VAL A 395 -12.96 -7.33 31.91
C VAL A 395 -12.77 -5.86 31.58
N THR A 396 -11.60 -5.53 31.03
CA THR A 396 -11.28 -4.16 30.62
C THR A 396 -11.88 -3.89 29.26
N ARG A 397 -11.42 -2.82 28.60
CA ARG A 397 -11.88 -2.51 27.25
C ARG A 397 -11.95 -3.80 26.42
N THR A 398 -13.14 -4.12 25.93
CA THR A 398 -13.42 -5.44 25.41
C THR A 398 -14.19 -5.33 24.09
N GLY A 399 -14.29 -6.45 23.39
CA GLY A 399 -15.05 -6.52 22.16
C GLY A 399 -14.44 -5.68 21.06
N PHE A 400 -15.26 -5.26 20.11
CA PHE A 400 -14.80 -4.39 19.03
C PHE A 400 -14.18 -3.13 19.63
N CYS A 401 -13.31 -2.46 18.86
CA CYS A 401 -12.61 -1.25 19.31
C CYS A 401 -11.48 -1.61 20.27
N THR A 402 -11.27 -2.90 20.54
CA THR A 402 -10.15 -3.33 21.35
C THR A 402 -8.89 -3.38 20.48
N ALA A 403 -7.82 -3.96 21.00
CA ALA A 403 -6.58 -4.09 20.22
C ALA A 403 -6.79 -4.96 18.98
N LYS A 404 -7.34 -6.16 19.18
CA LYS A 404 -7.56 -7.06 18.05
C LYS A 404 -8.49 -6.42 17.02
N GLY A 405 -9.60 -5.83 17.49
CA GLY A 405 -10.49 -5.12 16.59
C GLY A 405 -9.99 -3.75 16.22
N GLY A 406 -9.19 -3.13 17.09
CA GLY A 406 -8.65 -1.82 16.78
C GLY A 406 -7.71 -1.84 15.59
N LEU A 407 -6.84 -2.84 15.52
CA LEU A 407 -5.95 -2.96 14.37
C LEU A 407 -6.75 -3.16 13.09
N VAL A 408 -7.78 -4.01 13.14
CA VAL A 408 -8.60 -4.27 11.96
C VAL A 408 -9.29 -2.99 11.51
N SER A 409 -9.86 -2.24 12.46
CA SER A 409 -10.53 -0.99 12.12
C SER A 409 -9.55 0.01 11.53
N SER A 410 -8.35 0.11 12.10
CA SER A 410 -7.37 1.06 11.60
C SER A 410 -6.90 0.70 10.19
N ILE A 411 -6.83 -0.60 9.87
CA ILE A 411 -6.41 -1.00 8.53
C ILE A 411 -7.57 -1.06 7.54
N LEU A 412 -8.81 -0.98 8.00
CA LEU A 412 -9.96 -1.13 7.13
C LEU A 412 -10.50 0.21 6.64
N HIS A 413 -10.93 1.07 7.57
CA HIS A 413 -11.66 2.28 7.20
C HIS A 413 -10.74 3.36 6.64
N PRO A 414 -9.68 3.74 7.35
CA PRO A 414 -8.82 4.84 6.87
C PRO A 414 -7.73 4.43 5.90
N ARG A 415 -7.77 3.21 5.36
CA ARG A 415 -6.74 2.78 4.44
C ARG A 415 -6.79 3.64 3.17
N PRO A 416 -5.63 4.04 2.62
CA PRO A 416 -5.64 4.85 1.40
C PRO A 416 -6.10 4.06 0.17
N PHE A 421 -3.57 10.15 -6.53
CA PHE A 421 -3.46 11.29 -7.45
C PHE A 421 -4.56 11.24 -8.51
N TYR A 422 -5.80 11.09 -8.05
CA TYR A 422 -6.94 11.03 -8.95
C TYR A 422 -7.43 12.41 -9.38
N LYS A 423 -6.89 13.49 -8.79
CA LYS A 423 -7.31 14.83 -9.19
C LYS A 423 -7.00 15.10 -10.65
N HIS A 424 -5.81 14.67 -11.11
CA HIS A 424 -5.47 14.85 -12.51
C HIS A 424 -6.41 14.06 -13.41
N SER A 425 -6.76 12.84 -13.02
CA SER A 425 -7.70 12.05 -13.81
C SER A 425 -9.06 12.71 -13.89
N MET A 426 -9.54 13.24 -12.76
CA MET A 426 -10.82 13.93 -12.76
C MET A 426 -10.78 15.18 -13.64
N LYS A 427 -9.68 15.93 -13.58
CA LYS A 427 -9.54 17.10 -14.43
C LYS A 427 -9.54 16.72 -15.91
N PHE A 428 -8.84 15.63 -16.25
CA PHE A 428 -8.82 15.17 -17.64
C PHE A 428 -10.21 14.72 -18.10
N VAL A 429 -10.94 14.04 -17.22
CA VAL A 429 -12.31 13.62 -17.56
C VAL A 429 -13.19 14.85 -17.78
N ALA A 430 -13.05 15.86 -16.93
CA ALA A 430 -13.82 17.09 -17.11
C ALA A 430 -13.46 17.79 -18.40
N ALA A 431 -12.17 17.78 -18.75
CA ALA A 431 -11.74 18.36 -20.02
C ALA A 431 -12.39 17.63 -21.19
N LEU A 432 -12.41 16.31 -21.15
CA LEU A 432 -13.07 15.55 -22.21
C LEU A 432 -14.55 15.88 -22.27
N SER A 433 -15.20 16.00 -21.11
CA SER A 433 -16.63 16.29 -21.08
C SER A 433 -16.92 17.66 -21.69
N VAL A 434 -16.11 18.67 -21.37
CA VAL A 434 -16.35 20.01 -21.90
C VAL A 434 -16.04 20.04 -23.39
N LEU A 435 -15.01 19.31 -23.84
CA LEU A 435 -14.75 19.22 -25.26
C LEU A 435 -15.92 18.60 -26.01
N ALA A 436 -16.48 17.52 -25.46
CA ALA A 436 -17.65 16.89 -26.08
C ALA A 436 -18.84 17.85 -26.09
N LEU A 437 -19.04 18.58 -25.00
CA LEU A 437 -20.16 19.52 -24.93
C LEU A 437 -20.03 20.61 -25.99
N LEU A 438 -18.83 21.17 -26.15
CA LEU A 438 -18.63 22.24 -27.12
C LEU A 438 -18.60 21.72 -28.56
N GLY A 439 -18.29 20.43 -28.75
CA GLY A 439 -18.39 19.85 -30.08
C GLY A 439 -19.77 19.37 -30.45
N THR A 440 -20.64 19.19 -29.46
CA THR A 440 -22.01 18.78 -29.75
C THR A 440 -22.74 19.81 -30.60
N ILE A 441 -22.55 21.10 -30.30
CA ILE A 441 -23.22 22.14 -31.07
C ILE A 441 -22.71 22.12 -32.51
N TYR A 442 -21.40 21.93 -32.70
CA TYR A 442 -20.86 21.85 -34.05
C TYR A 442 -21.42 20.65 -34.80
N SER A 443 -21.51 19.50 -34.13
CA SER A 443 -22.06 18.31 -34.76
C SER A 443 -23.52 18.53 -35.15
N ILE A 444 -24.29 19.17 -34.28
CA ILE A 444 -25.69 19.45 -34.59
C ILE A 444 -25.80 20.38 -35.79
N PHE A 445 -24.94 21.40 -35.83
CA PHE A 445 -24.97 22.32 -36.97
C PHE A 445 -24.62 21.61 -38.26
N ILE A 446 -23.61 20.74 -38.24
CA ILE A 446 -23.25 19.99 -39.44
C ILE A 446 -24.40 19.10 -39.87
N LEU A 447 -25.04 18.42 -38.92
CA LEU A 447 -26.17 17.57 -39.27
C LEU A 447 -27.30 18.38 -39.89
N TYR A 448 -27.59 19.56 -39.32
CA TYR A 448 -28.63 20.41 -39.88
C TYR A 448 -28.25 20.91 -41.27
N ARG A 449 -26.95 21.07 -41.54
CA ARG A 449 -26.53 21.51 -42.86
C ARG A 449 -26.94 20.52 -43.94
N ASN A 450 -27.13 19.25 -43.59
CA ASN A 450 -27.51 18.22 -44.55
C ASN A 450 -29.02 18.16 -44.77
N ARG A 451 -29.80 18.95 -44.04
CA ARG A 451 -31.26 18.99 -44.21
C ARG A 451 -31.86 17.61 -43.97
N VAL A 452 -31.71 17.13 -42.74
CA VAL A 452 -32.26 15.83 -42.33
C VAL A 452 -33.09 16.04 -41.07
N PRO A 453 -34.32 16.55 -41.18
CA PRO A 453 -35.14 16.79 -39.99
C PRO A 453 -35.88 15.58 -39.47
N LEU A 454 -35.62 14.38 -40.00
CA LEU A 454 -36.32 13.19 -39.54
C LEU A 454 -36.01 12.93 -38.06
N ASN A 455 -37.05 12.54 -37.31
CA ASN A 455 -36.88 12.29 -35.89
C ASN A 455 -35.96 11.11 -35.64
N GLU A 456 -36.06 10.06 -36.46
CA GLU A 456 -35.25 8.87 -36.27
C GLU A 456 -33.77 9.09 -36.56
N ILE A 457 -33.40 10.21 -37.17
CA ILE A 457 -32.02 10.47 -37.53
C ILE A 457 -31.37 11.52 -36.63
N VAL A 458 -32.15 12.42 -36.02
CA VAL A 458 -31.57 13.44 -35.15
C VAL A 458 -30.91 12.79 -33.94
N ILE A 459 -31.49 11.70 -33.43
CA ILE A 459 -30.90 11.00 -32.29
C ILE A 459 -29.54 10.42 -32.65
N ARG A 460 -29.22 10.30 -33.94
CA ARG A 460 -27.90 9.85 -34.33
C ARG A 460 -26.83 10.82 -33.87
N ALA A 461 -27.14 12.11 -33.81
CA ALA A 461 -26.20 13.09 -33.28
C ALA A 461 -25.90 12.81 -31.81
N LEU A 462 -26.93 12.51 -31.02
CA LEU A 462 -26.71 12.19 -29.62
C LEU A 462 -25.94 10.88 -29.48
N ASP A 463 -26.20 9.91 -30.34
CA ASP A 463 -25.45 8.67 -30.32
C ASP A 463 -23.97 8.93 -30.63
N LEU A 464 -23.69 9.79 -31.61
CA LEU A 464 -22.32 10.16 -31.91
C LEU A 464 -21.67 10.88 -30.72
N VAL A 465 -22.41 11.75 -30.05
CA VAL A 465 -21.89 12.42 -28.86
C VAL A 465 -21.54 11.40 -27.78
N THR A 466 -22.41 10.41 -27.56
CA THR A 466 -22.13 9.38 -26.55
C THR A 466 -20.90 8.57 -26.92
N VAL A 467 -20.76 8.20 -28.20
CA VAL A 467 -19.63 7.37 -28.61
C VAL A 467 -18.36 8.18 -28.88
N VAL A 468 -18.42 9.50 -28.76
CA VAL A 468 -17.24 10.32 -29.04
C VAL A 468 -16.09 9.90 -28.14
N VAL A 469 -16.36 9.62 -26.87
CA VAL A 469 -15.33 9.18 -25.93
C VAL A 469 -15.05 7.70 -26.21
N PRO A 470 -13.81 7.32 -26.47
CA PRO A 470 -13.52 5.90 -26.75
C PRO A 470 -13.58 5.08 -25.48
N PRO A 471 -13.51 3.75 -25.60
CA PRO A 471 -13.55 2.89 -24.41
C PRO A 471 -12.19 2.78 -23.72
N ALA A 472 -11.27 3.69 -24.04
CA ALA A 472 -9.92 3.66 -23.49
C ALA A 472 -9.90 4.29 -22.08
N LEU A 473 -10.69 3.70 -21.19
CA LEU A 473 -10.71 4.11 -19.80
C LEU A 473 -10.98 2.89 -18.90
N PRO A 474 -12.03 2.11 -19.18
CA PRO A 474 -12.14 0.82 -18.46
C PRO A 474 -10.94 -0.08 -18.69
N ALA A 475 -10.37 -0.06 -19.90
CA ALA A 475 -9.27 -0.94 -20.28
C ALA A 475 -7.99 -0.11 -20.33
N ALA A 476 -7.33 0.00 -19.18
CA ALA A 476 -6.04 0.69 -19.09
C ALA A 476 -4.99 -0.08 -18.30
N MET A 477 -5.38 -1.04 -17.46
CA MET A 477 -4.46 -1.81 -16.65
C MET A 477 -4.15 -3.18 -17.23
N THR A 478 -4.61 -3.47 -18.45
CA THR A 478 -4.33 -4.77 -19.05
C THR A 478 -2.83 -5.02 -19.19
N VAL A 479 -2.05 -3.95 -19.40
CA VAL A 479 -0.62 -4.11 -19.63
C VAL A 479 0.08 -4.61 -18.37
N CYS A 480 -0.24 -4.03 -17.21
CA CYS A 480 0.48 -4.36 -15.99
C CYS A 480 0.12 -5.74 -15.46
N THR A 481 -1.01 -6.31 -15.88
CA THR A 481 -1.36 -7.66 -15.43
C THR A 481 -0.32 -8.68 -15.87
N LEU A 482 0.15 -8.58 -17.11
CA LEU A 482 1.15 -9.52 -17.61
C LEU A 482 2.47 -9.38 -16.87
N TYR A 483 2.76 -8.19 -16.33
CA TYR A 483 3.99 -8.01 -15.57
C TYR A 483 3.98 -8.85 -14.31
N ALA A 484 2.83 -8.96 -13.64
CA ALA A 484 2.71 -9.87 -12.51
C ALA A 484 2.95 -11.32 -12.93
N GLN A 485 2.45 -11.69 -14.10
CA GLN A 485 2.72 -13.02 -14.62
C GLN A 485 4.21 -13.25 -14.83
N SER A 486 4.91 -12.24 -15.36
CA SER A 486 6.35 -12.35 -15.53
C SER A 486 7.06 -12.50 -14.18
N ARG A 487 6.63 -11.71 -13.19
CA ARG A 487 7.23 -11.81 -11.86
C ARG A 487 7.04 -13.22 -11.30
N LEU A 488 5.84 -13.78 -11.45
CA LEU A 488 5.62 -15.17 -11.06
C LEU A 488 6.54 -16.09 -11.83
N ARG A 489 6.75 -15.81 -13.12
CA ARG A 489 7.56 -16.68 -13.96
C ARG A 489 8.99 -16.75 -13.46
N ARG A 490 9.59 -15.61 -13.11
CA ARG A 490 10.98 -15.58 -12.70
C ARG A 490 11.15 -15.27 -11.21
N GLN A 491 10.62 -14.16 -10.73
CA GLN A 491 10.73 -13.81 -9.31
C GLN A 491 9.95 -12.52 -9.08
N GLY A 492 9.69 -12.25 -7.81
CA GLY A 492 8.98 -11.04 -7.44
C GLY A 492 8.44 -11.14 -6.02
N ILE A 493 7.82 -10.05 -5.59
CA ILE A 493 7.21 -9.98 -4.27
C ILE A 493 5.73 -9.66 -4.44
N PHE A 494 5.15 -10.16 -5.53
CA PHE A 494 3.74 -9.89 -5.82
C PHE A 494 2.87 -10.29 -4.63
N CYS A 495 1.85 -9.48 -4.38
CA CYS A 495 0.87 -9.75 -3.34
C CYS A 495 -0.34 -10.44 -3.95
N ILE A 496 -1.36 -10.66 -3.14
CA ILE A 496 -2.57 -11.33 -3.62
C ILE A 496 -3.25 -10.48 -4.69
N HIS A 497 -3.35 -9.18 -4.46
CA HIS A 497 -4.01 -8.25 -5.38
C HIS A 497 -3.12 -7.03 -5.61
N PRO A 498 -2.09 -7.16 -6.46
CA PRO A 498 -1.25 -5.99 -6.76
C PRO A 498 -2.00 -4.94 -7.56
N LEU A 499 -2.25 -3.77 -6.96
CA LEU A 499 -2.99 -2.72 -7.63
C LEU A 499 -2.43 -1.32 -7.41
N ARG A 500 -1.32 -1.18 -6.69
CA ARG A 500 -0.77 0.12 -6.34
C ARG A 500 0.67 0.28 -6.83
N ILE A 501 0.96 -0.29 -8.01
CA ILE A 501 2.29 -0.12 -8.59
C ILE A 501 2.49 1.33 -9.03
N ASN A 502 1.49 1.90 -9.71
CA ASN A 502 1.61 3.29 -10.15
C ASN A 502 1.69 4.23 -8.96
N LEU A 503 0.93 3.95 -7.90
CA LEU A 503 0.98 4.80 -6.70
C LEU A 503 2.37 4.79 -6.10
N GLY A 504 3.01 3.63 -6.04
CA GLY A 504 4.36 3.52 -5.54
C GLY A 504 5.44 3.83 -6.55
N GLY A 505 5.06 4.21 -7.77
CA GLY A 505 6.05 4.54 -8.78
C GLY A 505 7.03 5.61 -8.34
N LYS A 506 6.60 6.52 -7.47
CA LYS A 506 7.44 7.59 -6.97
C LYS A 506 8.05 7.17 -5.64
N LEU A 507 9.37 7.29 -5.54
CA LEU A 507 10.07 6.95 -4.30
C LEU A 507 11.46 7.58 -4.35
N GLN A 508 11.96 7.95 -3.17
CA GLN A 508 13.28 8.55 -3.06
C GLN A 508 14.12 7.96 -1.92
N LEU A 509 13.56 7.09 -1.09
CA LEU A 509 14.30 6.49 0.02
C LEU A 509 14.03 4.99 0.04
N VAL A 510 15.10 4.21 0.22
CA VAL A 510 15.03 2.76 0.32
C VAL A 510 15.63 2.35 1.65
N CYS A 511 14.89 1.56 2.42
CA CYS A 511 15.31 1.12 3.74
C CYS A 511 15.92 -0.28 3.68
N PHE A 512 16.54 -0.68 4.79
CA PHE A 512 17.16 -1.98 4.88
C PHE A 512 17.12 -2.43 6.34
N ASP A 513 17.24 -3.74 6.54
CA ASP A 513 17.21 -4.34 7.86
C ASP A 513 18.44 -5.21 8.07
N LYS A 514 18.91 -5.25 9.32
CA LYS A 514 20.09 -6.04 9.69
C LYS A 514 19.90 -6.87 10.96
N THR A 515 18.86 -6.62 11.74
CA THR A 515 18.66 -7.36 12.98
C THR A 515 18.46 -8.85 12.70
N GLY A 516 17.66 -9.18 11.69
CA GLY A 516 17.39 -10.56 11.36
C GLY A 516 17.35 -10.84 9.88
N THR A 517 17.84 -9.88 9.08
CA THR A 517 17.86 -10.01 7.62
C THR A 517 19.27 -10.17 7.07
N LEU A 518 20.21 -9.33 7.50
CA LEU A 518 21.60 -9.42 7.10
C LEU A 518 22.48 -9.64 8.31
N THR A 519 23.57 -10.38 8.14
CA THR A 519 24.01 -11.01 6.90
C THR A 519 23.29 -12.34 6.70
N GLU A 520 23.74 -13.10 5.70
CA GLU A 520 23.15 -14.40 5.43
C GLU A 520 23.62 -15.43 6.48
N ASP A 521 22.98 -16.59 6.46
CA ASP A 521 23.32 -17.64 7.41
C ASP A 521 24.79 -18.01 7.29
N GLY A 522 25.44 -18.15 8.44
CA GLY A 522 26.86 -18.46 8.49
C GLY A 522 27.58 -17.68 9.56
N LEU A 523 28.39 -18.36 10.36
CA LEU A 523 29.10 -17.70 11.45
C LEU A 523 30.21 -18.62 11.94
N ASP A 524 31.25 -18.01 12.51
CA ASP A 524 32.38 -18.76 13.05
C ASP A 524 33.01 -17.97 14.18
N VAL A 525 33.75 -18.68 15.03
CA VAL A 525 34.43 -18.07 16.17
C VAL A 525 35.78 -17.53 15.70
N MET A 526 36.25 -16.47 16.37
CA MET A 526 37.48 -15.81 16.01
C MET A 526 38.61 -16.12 16.99
N GLY A 527 38.39 -15.89 18.28
CA GLY A 527 39.45 -16.12 19.24
C GLY A 527 38.94 -16.01 20.66
N VAL A 528 39.90 -15.99 21.60
CA VAL A 528 39.55 -15.94 23.01
C VAL A 528 38.97 -14.58 23.38
N VAL A 529 38.35 -14.53 24.55
CA VAL A 529 37.74 -13.31 25.06
C VAL A 529 38.85 -12.34 25.47
N PRO A 530 38.58 -11.03 25.52
CA PRO A 530 39.62 -10.07 25.91
C PRO A 530 39.80 -9.91 27.41
N LEU A 531 39.26 -10.81 28.23
CA LEU A 531 39.41 -10.68 29.67
C LEU A 531 40.87 -10.75 30.09
N LYS A 532 41.63 -11.66 29.49
CA LYS A 532 43.04 -11.82 29.82
C LYS A 532 43.81 -10.53 29.53
N PRO A 547 38.19 -23.10 28.35
CA PRO A 547 39.24 -22.25 28.93
C PRO A 547 38.85 -21.67 30.28
N VAL A 548 37.65 -21.13 30.37
CA VAL A 548 37.13 -20.51 31.60
C VAL A 548 35.83 -21.20 31.95
N GLY A 549 35.71 -21.62 33.22
CA GLY A 549 34.56 -22.35 33.68
C GLY A 549 33.26 -21.59 33.54
N PRO A 550 33.17 -20.43 34.21
CA PRO A 550 31.93 -19.64 34.12
C PRO A 550 31.56 -19.27 32.70
N LEU A 551 32.53 -18.94 31.85
CA LEU A 551 32.22 -18.60 30.46
C LEU A 551 31.57 -19.78 29.75
N LEU A 552 32.14 -20.98 29.89
CA LEU A 552 31.58 -22.15 29.24
C LEU A 552 30.20 -22.48 29.79
N ARG A 553 30.03 -22.36 31.12
CA ARG A 553 28.73 -22.65 31.71
C ARG A 553 27.67 -21.68 31.20
N ALA A 554 28.01 -20.40 31.11
CA ALA A 554 27.05 -19.43 30.59
C ALA A 554 26.73 -19.69 29.12
N LEU A 555 27.75 -20.02 28.32
CA LEU A 555 27.52 -20.26 26.90
C LEU A 555 26.67 -21.49 26.67
N ALA A 556 26.85 -22.53 27.49
CA ALA A 556 26.15 -23.79 27.27
C ALA A 556 24.64 -23.60 27.30
N THR A 557 24.13 -22.68 28.11
CA THR A 557 22.71 -22.44 28.24
C THR A 557 22.19 -21.35 27.31
N CYS A 558 23.04 -20.82 26.44
CA CYS A 558 22.64 -19.75 25.51
C CYS A 558 22.19 -20.41 24.21
N HIS A 559 20.94 -20.85 24.20
CA HIS A 559 20.34 -21.47 23.03
C HIS A 559 18.84 -21.31 23.07
N ALA A 560 18.22 -21.25 21.90
CA ALA A 560 16.78 -21.11 21.75
C ALA A 560 16.09 -22.44 21.46
N LEU A 561 16.83 -23.54 21.49
CA LEU A 561 16.25 -24.85 21.20
C LEU A 561 15.24 -25.25 22.27
N ASP A 571 17.05 -17.46 16.85
CA ASP A 571 17.80 -17.44 15.61
C ASP A 571 18.75 -18.64 15.56
N PRO A 572 19.02 -19.18 14.35
CA PRO A 572 19.96 -20.31 14.27
C PRO A 572 21.38 -19.94 14.66
N MET A 573 21.63 -18.67 14.93
CA MET A 573 22.97 -18.25 15.34
C MET A 573 23.38 -18.94 16.64
N ASP A 574 22.47 -19.04 17.60
CA ASP A 574 22.77 -19.72 18.85
C ASP A 574 23.05 -21.20 18.62
N LEU A 575 22.28 -21.83 17.73
CA LEU A 575 22.52 -23.24 17.41
C LEU A 575 23.89 -23.42 16.80
N LYS A 576 24.28 -22.53 15.88
CA LYS A 576 25.61 -22.61 15.28
C LYS A 576 26.69 -22.41 16.34
N MET A 577 26.48 -21.47 17.26
CA MET A 577 27.46 -21.22 18.30
C MET A 577 27.66 -22.45 19.19
N VAL A 578 26.55 -23.05 19.63
CA VAL A 578 26.65 -24.21 20.51
C VAL A 578 27.26 -25.39 19.76
N GLU A 579 26.93 -25.56 18.48
CA GLU A 579 27.54 -26.63 17.70
C GLU A 579 29.05 -26.43 17.58
N SER A 580 29.47 -25.19 17.32
CA SER A 580 30.90 -24.91 17.18
C SER A 580 31.62 -25.15 18.50
N THR A 581 31.03 -24.71 19.62
CA THR A 581 31.65 -24.91 20.93
C THR A 581 31.66 -26.38 21.36
N GLY A 582 30.93 -27.25 20.66
CA GLY A 582 30.96 -28.67 20.97
C GLY A 582 30.03 -29.06 22.10
N TRP A 583 28.74 -28.78 21.96
CA TRP A 583 27.74 -29.17 22.92
C TRP A 583 26.54 -29.79 22.20
N VAL A 584 25.95 -30.80 22.84
CA VAL A 584 24.76 -31.47 22.32
C VAL A 584 23.66 -31.32 23.36
N LEU A 585 22.53 -30.76 22.94
CA LEU A 585 21.40 -30.52 23.83
C LEU A 585 20.11 -30.90 23.14
N GLU A 586 19.10 -31.23 23.95
CA GLU A 586 17.81 -31.60 23.41
C GLU A 586 17.15 -30.43 22.70
N GLU A 587 16.34 -30.74 21.69
CA GLU A 587 15.64 -29.72 20.92
C GLU A 587 14.77 -28.86 21.82
N LEU A 612 15.60 -29.62 26.73
CA LEU A 612 16.09 -29.24 28.05
C LEU A 612 17.27 -30.12 28.46
N GLN A 613 17.18 -31.42 28.14
CA GLN A 613 18.24 -32.35 28.49
C GLN A 613 19.50 -32.05 27.69
N ALA A 614 20.66 -32.28 28.31
CA ALA A 614 21.94 -32.06 27.67
C ALA A 614 22.87 -33.21 28.00
N MET A 615 23.84 -33.44 27.12
CA MET A 615 24.81 -34.51 27.28
C MET A 615 26.10 -33.95 27.88
N GLU A 616 27.11 -34.81 27.98
CA GLU A 616 28.40 -34.44 28.56
C GLU A 616 28.22 -33.89 29.97
N GLU A 617 27.34 -34.53 30.74
CA GLU A 617 27.09 -34.08 32.11
C GLU A 617 28.31 -34.18 33.00
N PRO A 618 29.08 -35.27 33.00
CA PRO A 618 30.19 -35.39 33.96
C PRO A 618 31.14 -34.22 33.89
N PRO A 619 31.65 -33.85 32.69
CA PRO A 619 32.59 -32.72 32.64
C PRO A 619 31.92 -31.39 32.98
N VAL A 620 30.75 -31.14 32.41
CA VAL A 620 30.01 -29.90 32.65
C VAL A 620 28.54 -30.23 32.77
N PRO A 621 28.00 -30.44 33.96
CA PRO A 621 26.56 -30.76 34.10
C PRO A 621 25.71 -29.52 33.90
N VAL A 622 24.91 -29.53 32.83
CA VAL A 622 24.02 -28.43 32.50
C VAL A 622 22.64 -29.01 32.15
N SER A 623 21.59 -28.38 32.66
CA SER A 623 20.22 -28.81 32.40
C SER A 623 19.31 -27.61 32.47
N VAL A 624 18.56 -27.37 31.40
CA VAL A 624 17.67 -26.22 31.33
C VAL A 624 16.39 -26.53 32.11
N LEU A 625 15.94 -25.55 32.90
CA LEU A 625 14.74 -25.71 33.73
C LEU A 625 13.60 -24.80 33.28
N HIS A 626 13.86 -23.50 33.11
CA HIS A 626 12.83 -22.54 32.72
C HIS A 626 13.44 -21.50 31.80
N ARG A 627 12.64 -21.03 30.85
CA ARG A 627 13.08 -20.04 29.87
C ARG A 627 11.95 -19.03 29.65
N PHE A 628 12.34 -17.81 29.27
CA PHE A 628 11.39 -16.75 28.99
C PHE A 628 11.28 -16.50 27.49
N PRO A 629 10.13 -16.03 27.01
CA PRO A 629 9.98 -15.77 25.58
C PRO A 629 10.78 -14.55 25.15
N PHE A 630 11.08 -14.51 23.85
CA PHE A 630 11.81 -13.40 23.24
C PHE A 630 10.80 -12.47 22.57
N SER A 631 10.81 -11.21 22.97
CA SER A 631 9.89 -10.22 22.44
C SER A 631 10.60 -9.29 21.46
N SER A 632 9.81 -8.43 20.81
CA SER A 632 10.37 -7.48 19.86
C SER A 632 11.17 -6.41 20.57
N ALA A 633 10.53 -5.63 21.44
CA ALA A 633 11.21 -4.61 22.20
C ALA A 633 12.00 -5.25 23.34
N LEU A 634 13.07 -4.58 23.76
CA LEU A 634 13.94 -5.05 24.83
C LEU A 634 14.49 -6.44 24.48
N GLN A 635 15.28 -6.48 23.41
CA GLN A 635 15.81 -7.74 22.90
C GLN A 635 16.79 -8.32 23.91
N ARG A 636 16.37 -9.40 24.58
CA ARG A 636 17.22 -10.10 25.51
C ARG A 636 16.62 -11.48 25.77
N MET A 637 17.44 -12.37 26.32
CA MET A 637 17.05 -13.75 26.58
C MET A 637 17.60 -14.17 27.93
N SER A 638 16.72 -14.30 28.92
CA SER A 638 17.09 -14.75 30.26
C SER A 638 16.52 -16.14 30.47
N VAL A 639 17.37 -17.06 30.92
CA VAL A 639 17.00 -18.46 31.11
C VAL A 639 17.46 -18.90 32.49
N VAL A 640 16.60 -19.65 33.18
CA VAL A 640 16.91 -20.23 34.48
C VAL A 640 17.12 -21.73 34.27
N VAL A 641 18.28 -22.23 34.69
CA VAL A 641 18.66 -23.61 34.45
C VAL A 641 18.66 -24.36 35.79
N ALA A 642 18.81 -25.68 35.70
CA ALA A 642 18.79 -26.54 36.89
C ALA A 642 20.21 -26.75 37.43
N TRP A 643 20.84 -25.63 37.79
CA TRP A 643 22.16 -25.65 38.41
C TRP A 643 22.13 -26.13 39.86
N PRO A 644 21.06 -25.89 40.63
CA PRO A 644 21.09 -26.27 42.06
C PRO A 644 21.62 -27.66 42.33
N GLY A 645 21.53 -28.58 41.37
CA GLY A 645 22.06 -29.91 41.59
C GLY A 645 23.55 -29.90 41.85
N ALA A 646 24.30 -29.20 41.01
CA ALA A 646 25.76 -29.18 41.14
C ALA A 646 26.20 -28.53 42.44
N THR A 647 25.99 -27.21 42.56
CA THR A 647 26.36 -26.50 43.79
C THR A 647 25.26 -25.59 44.32
N GLN A 648 24.55 -24.89 43.44
CA GLN A 648 23.57 -23.89 43.87
C GLN A 648 22.84 -23.30 42.67
N PRO A 649 21.67 -22.70 42.86
CA PRO A 649 20.96 -22.08 41.73
C PRO A 649 21.79 -20.98 41.08
N GLU A 650 21.67 -20.88 39.76
CA GLU A 650 22.32 -19.82 39.01
C GLU A 650 21.41 -19.43 37.84
N ALA A 651 21.60 -18.20 37.35
CA ALA A 651 20.83 -17.68 36.23
C ALA A 651 21.77 -16.99 35.26
N TYR A 652 21.37 -16.96 33.99
CA TYR A 652 22.15 -16.34 32.94
C TYR A 652 21.23 -15.58 32.00
N VAL A 653 21.77 -14.55 31.35
CA VAL A 653 21.02 -13.74 30.40
C VAL A 653 22.00 -13.16 29.39
N LYS A 654 21.54 -13.04 28.14
CA LYS A 654 22.33 -12.47 27.06
C LYS A 654 21.57 -11.30 26.45
N GLY A 655 22.30 -10.21 26.20
CA GLY A 655 21.69 -9.02 25.62
C GLY A 655 22.74 -8.05 25.16
N SER A 656 22.27 -6.96 24.56
CA SER A 656 23.18 -5.94 24.06
C SER A 656 23.90 -5.25 25.22
N PRO A 657 25.15 -4.84 25.03
CA PRO A 657 25.88 -4.18 26.13
C PRO A 657 25.19 -2.92 26.63
N GLU A 658 24.57 -2.14 25.74
CA GLU A 658 23.91 -0.91 26.17
C GLU A 658 22.76 -1.21 27.11
N LEU A 659 21.96 -2.23 26.80
CA LEU A 659 20.80 -2.54 27.65
C LEU A 659 21.24 -2.97 29.04
N VAL A 660 22.27 -3.82 29.13
CA VAL A 660 22.72 -4.30 30.43
C VAL A 660 23.54 -3.24 31.18
N ALA A 661 24.09 -2.25 30.48
CA ALA A 661 24.84 -1.21 31.16
C ALA A 661 23.98 -0.38 32.10
N GLY A 662 22.67 -0.36 31.89
CA GLY A 662 21.77 0.42 32.72
C GLY A 662 21.33 -0.24 34.01
N LEU A 663 21.74 -1.49 34.24
CA LEU A 663 21.38 -2.21 35.46
C LEU A 663 22.57 -2.70 36.27
N CYS A 664 23.78 -2.67 35.70
CA CYS A 664 24.98 -3.11 36.40
C CYS A 664 25.71 -1.97 37.09
N ASN A 665 25.17 -0.74 37.05
CA ASN A 665 25.85 0.38 37.68
C ASN A 665 26.06 0.18 39.17
N PRO A 666 25.06 -0.24 39.96
CA PRO A 666 25.28 -0.38 41.41
C PRO A 666 26.04 -1.64 41.81
N GLU A 667 26.28 -2.57 40.88
CA GLU A 667 26.96 -3.81 41.20
C GLU A 667 28.45 -3.75 40.85
N THR A 668 28.77 -3.46 39.59
CA THR A 668 30.16 -3.37 39.16
C THR A 668 30.27 -2.70 37.80
N VAL A 669 31.13 -1.70 37.68
CA VAL A 669 31.36 -0.98 36.44
C VAL A 669 32.84 -1.08 36.08
N PRO A 670 33.21 -1.95 35.14
CA PRO A 670 34.61 -2.03 34.73
C PRO A 670 35.11 -0.71 34.18
N THR A 671 36.36 -0.38 34.48
CA THR A 671 36.93 0.90 34.05
C THR A 671 37.20 0.90 32.55
N ASP A 672 37.59 -0.23 31.98
CA ASP A 672 37.97 -0.32 30.57
C ASP A 672 36.85 -0.90 29.72
N PHE A 673 35.60 -0.58 30.05
CA PHE A 673 34.45 -1.12 29.33
C PHE A 673 34.01 -0.27 28.15
N ALA A 674 34.31 1.04 28.16
CA ALA A 674 33.81 1.94 27.13
C ALA A 674 34.80 2.10 25.98
N GLN A 675 36.00 2.62 26.27
CA GLN A 675 36.98 2.84 25.22
C GLN A 675 37.40 1.53 24.57
N MET A 676 37.61 0.48 25.38
CA MET A 676 38.01 -0.81 24.83
C MET A 676 36.92 -1.36 23.92
N LEU A 677 35.66 -1.27 24.36
CA LEU A 677 34.55 -1.76 23.53
C LEU A 677 34.47 -0.98 22.22
N GLN A 678 34.62 0.35 22.29
CA GLN A 678 34.58 1.16 21.08
C GLN A 678 35.68 0.76 20.12
N SER A 679 36.92 0.62 20.63
CA SER A 679 38.03 0.26 19.77
C SER A 679 37.83 -1.14 19.18
N TYR A 680 37.25 -2.05 19.95
CA TYR A 680 37.10 -3.42 19.48
C TYR A 680 36.00 -3.54 18.43
N THR A 681 34.88 -2.83 18.63
CA THR A 681 33.73 -2.94 17.74
C THR A 681 33.70 -1.87 16.67
N ALA A 682 34.72 -1.02 16.58
CA ALA A 682 34.72 0.04 15.58
C ALA A 682 34.80 -0.48 14.15
N ALA A 683 35.15 -1.75 13.96
CA ALA A 683 35.34 -2.32 12.62
C ALA A 683 34.55 -3.62 12.49
N GLY A 684 33.28 -3.50 12.10
CA GLY A 684 32.49 -4.64 11.71
C GLY A 684 32.01 -5.53 12.83
N TYR A 685 32.91 -5.89 13.74
CA TYR A 685 32.59 -6.88 14.77
C TYR A 685 31.38 -6.47 15.58
N ARG A 686 30.48 -7.42 15.83
CA ARG A 686 29.31 -7.23 16.65
C ARG A 686 29.49 -7.96 17.98
N VAL A 687 29.07 -7.32 19.07
CA VAL A 687 29.27 -7.84 20.41
C VAL A 687 27.95 -7.90 21.15
N VAL A 688 27.83 -8.90 22.02
CA VAL A 688 26.69 -9.03 22.92
C VAL A 688 27.24 -9.22 24.34
N ALA A 689 26.43 -8.81 25.31
CA ALA A 689 26.84 -8.83 26.71
C ALA A 689 26.16 -9.99 27.43
N LEU A 690 26.95 -10.73 28.21
CA LEU A 690 26.46 -11.88 28.97
C LEU A 690 26.56 -11.56 30.45
N ALA A 691 25.51 -11.92 31.20
CA ALA A 691 25.46 -11.66 32.63
C ALA A 691 24.96 -12.91 33.36
N SER A 692 25.34 -13.02 34.63
CA SER A 692 24.97 -14.15 35.46
C SER A 692 24.46 -13.64 36.81
N LYS A 693 23.62 -14.45 37.45
CA LYS A 693 23.04 -14.11 38.74
C LYS A 693 22.94 -15.35 39.62
N PRO A 694 23.65 -15.42 40.75
CA PRO A 694 23.51 -16.56 41.67
C PRO A 694 22.34 -16.40 42.65
N LEU A 695 21.14 -16.61 42.14
CA LEU A 695 19.93 -16.44 42.94
C LEU A 695 19.82 -17.55 43.99
N ARG A 709 8.95 -10.20 35.11
CA ARG A 709 10.27 -10.21 34.51
C ARG A 709 11.22 -9.27 35.25
N ASP A 710 10.66 -8.46 36.15
CA ASP A 710 11.50 -7.55 36.93
C ASP A 710 12.26 -8.28 38.03
N THR A 711 11.71 -9.37 38.55
CA THR A 711 12.36 -10.08 39.65
C THR A 711 13.71 -10.64 39.22
N VAL A 712 13.79 -11.20 38.02
CA VAL A 712 15.04 -11.80 37.57
C VAL A 712 16.10 -10.76 37.25
N GLU A 713 15.68 -9.52 36.95
CA GLU A 713 16.60 -8.45 36.58
C GLU A 713 17.00 -7.60 37.78
N GLY A 714 16.99 -8.17 38.97
CA GLY A 714 17.35 -7.43 40.17
C GLY A 714 18.84 -7.15 40.27
N ASP A 715 19.63 -8.21 40.39
CA ASP A 715 21.08 -8.11 40.49
C ASP A 715 21.72 -9.06 39.48
N LEU A 716 22.72 -8.56 38.77
CA LEU A 716 23.42 -9.36 37.77
C LEU A 716 24.89 -8.97 37.73
N SER A 717 25.72 -9.90 37.28
CA SER A 717 27.16 -9.68 37.16
C SER A 717 27.59 -10.04 35.75
N LEU A 718 28.29 -9.12 35.09
CA LEU A 718 28.79 -9.37 33.76
C LEU A 718 29.94 -10.38 33.80
N LEU A 719 29.99 -11.27 32.80
CA LEU A 719 30.99 -12.30 32.74
C LEU A 719 32.03 -12.10 31.65
N GLY A 720 31.80 -11.18 30.73
CA GLY A 720 32.76 -10.88 29.69
C GLY A 720 32.06 -10.43 28.42
N LEU A 721 32.85 -10.27 27.36
CA LEU A 721 32.37 -9.86 26.07
C LEU A 721 32.24 -11.08 25.15
N LEU A 722 31.91 -10.81 23.89
CA LEU A 722 31.70 -11.89 22.92
C LEU A 722 31.95 -11.32 21.52
N VAL A 723 32.96 -11.83 20.84
CA VAL A 723 33.33 -11.39 19.50
C VAL A 723 32.86 -12.45 18.50
N MET A 724 32.10 -12.00 17.49
CA MET A 724 31.60 -12.90 16.45
C MET A 724 31.53 -12.13 15.15
N ARG A 725 31.58 -12.89 14.05
CA ARG A 725 31.44 -12.32 12.71
C ARG A 725 30.50 -13.20 11.90
N ASN A 726 29.51 -12.58 11.26
CA ASN A 726 28.53 -13.33 10.49
C ASN A 726 29.07 -13.66 9.09
N LEU A 727 29.33 -12.63 8.29
CA LEU A 727 29.84 -12.80 6.93
C LEU A 727 30.09 -11.41 6.36
N LEU A 728 30.80 -11.37 5.23
CA LEU A 728 31.08 -10.12 4.54
C LEU A 728 30.03 -9.79 3.49
N LYS A 729 29.24 -10.78 3.05
CA LYS A 729 28.18 -10.60 2.06
C LYS A 729 28.62 -9.65 0.94
N PRO A 730 29.59 -10.06 0.11
CA PRO A 730 30.08 -9.20 -0.99
C PRO A 730 29.15 -9.16 -2.20
N GLN A 731 27.86 -8.94 -1.94
CA GLN A 731 26.85 -8.84 -2.99
C GLN A 731 25.95 -7.62 -2.87
N THR A 732 25.76 -7.06 -1.68
CA THR A 732 24.91 -5.89 -1.52
C THR A 732 25.60 -4.60 -1.98
N THR A 733 26.93 -4.54 -1.89
CA THR A 733 27.63 -3.31 -2.25
C THR A 733 27.39 -2.90 -3.70
N PRO A 734 27.47 -3.79 -4.69
CA PRO A 734 27.12 -3.38 -6.06
C PRO A 734 25.69 -2.87 -6.17
N VAL A 735 24.75 -3.47 -5.43
CA VAL A 735 23.37 -3.00 -5.47
C VAL A 735 23.27 -1.58 -4.94
N ILE A 736 23.95 -1.31 -3.81
CA ILE A 736 23.93 0.03 -3.23
C ILE A 736 24.56 1.02 -4.19
N GLN A 737 25.68 0.64 -4.81
CA GLN A 737 26.34 1.53 -5.75
C GLN A 737 25.44 1.85 -6.94
N ALA A 738 24.76 0.84 -7.47
CA ALA A 738 23.84 1.07 -8.59
C ALA A 738 22.69 1.98 -8.16
N LEU A 739 22.15 1.77 -6.97
CA LEU A 739 21.07 2.62 -6.49
C LEU A 739 21.54 4.06 -6.33
N ARG A 740 22.76 4.26 -5.86
CA ARG A 740 23.28 5.61 -5.66
C ARG A 740 23.33 6.38 -6.98
N ARG A 741 23.57 5.69 -8.10
CA ARG A 741 23.65 6.36 -9.39
C ARG A 741 22.31 6.91 -9.86
N THR A 742 21.21 6.54 -9.20
CA THR A 742 19.88 7.03 -9.56
C THR A 742 19.43 8.18 -8.66
N ARG A 743 20.36 8.83 -7.97
CA ARG A 743 20.04 9.95 -7.08
C ARG A 743 19.02 9.53 -6.02
N ILE A 744 19.18 8.33 -5.48
CA ILE A 744 18.31 7.80 -4.44
C ILE A 744 19.17 7.47 -3.22
N ARG A 745 18.80 8.02 -2.08
CA ARG A 745 19.54 7.79 -0.84
C ARG A 745 19.12 6.47 -0.21
N ALA A 746 20.09 5.75 0.34
CA ALA A 746 19.88 4.45 0.95
C ALA A 746 20.03 4.56 2.46
N VAL A 747 19.09 3.98 3.20
CA VAL A 747 19.10 3.99 4.66
C VAL A 747 18.82 2.58 5.15
N MET A 748 19.14 2.35 6.43
CA MET A 748 18.91 1.06 7.07
C MET A 748 18.37 1.29 8.47
N VAL A 749 17.57 0.33 8.94
CA VAL A 749 16.98 0.36 10.27
C VAL A 749 17.26 -0.96 10.96
N THR A 750 17.78 -0.90 12.18
CA THR A 750 18.10 -2.09 12.95
C THR A 750 18.42 -1.66 14.38
N GLY A 751 18.60 -2.64 15.24
CA GLY A 751 18.89 -2.38 16.64
C GLY A 751 20.01 -3.23 17.20
N ASP A 752 20.99 -3.58 16.36
CA ASP A 752 22.11 -4.39 16.81
C ASP A 752 23.15 -3.54 17.54
N ASN A 753 23.75 -2.58 16.82
CA ASN A 753 24.77 -1.72 17.42
C ASN A 753 25.08 -0.60 16.44
N LEU A 754 25.31 0.60 16.98
CA LEU A 754 25.60 1.76 16.12
C LEU A 754 26.97 1.62 15.47
N GLN A 755 27.94 1.04 16.17
CA GLN A 755 29.27 0.87 15.60
C GLN A 755 29.32 -0.23 14.54
N THR A 756 28.37 -1.17 14.58
CA THR A 756 28.28 -2.18 13.52
C THR A 756 27.57 -1.67 12.28
N ALA A 757 26.87 -0.54 12.39
CA ALA A 757 26.18 0.06 11.25
C ALA A 757 26.95 1.24 10.65
N VAL A 758 27.71 1.97 11.47
CA VAL A 758 28.54 3.05 10.93
C VAL A 758 29.67 2.50 10.08
N THR A 759 30.22 1.34 10.48
CA THR A 759 31.33 0.77 9.74
C THR A 759 30.94 0.42 8.30
N VAL A 760 29.76 -0.18 8.12
CA VAL A 760 29.30 -0.51 6.78
C VAL A 760 29.00 0.76 5.98
N ALA A 761 28.54 1.82 6.63
CA ALA A 761 28.27 3.08 5.95
C ALA A 761 29.52 3.68 5.32
N ARG A 762 30.70 3.35 5.82
CA ARG A 762 31.95 3.87 5.25
C ARG A 762 32.49 3.01 4.11
N GLY A 763 31.89 1.84 3.87
CA GLY A 763 32.35 0.96 2.81
C GLY A 763 31.25 0.59 1.84
N CYS A 764 30.31 1.51 1.61
CA CYS A 764 29.22 1.28 0.69
C CYS A 764 28.83 2.61 0.06
N GLY A 765 28.10 2.53 -1.06
CA GLY A 765 27.82 3.70 -1.86
C GLY A 765 26.62 4.51 -1.43
N MET A 766 26.74 5.24 -0.32
CA MET A 766 25.74 6.24 0.05
C MET A 766 26.35 7.56 0.49
N VAL A 767 27.61 7.58 0.92
CA VAL A 767 28.29 8.82 1.31
C VAL A 767 29.78 8.62 1.07
N ALA A 768 30.41 9.57 0.38
CA ALA A 768 31.82 9.47 0.06
C ALA A 768 32.69 9.78 1.28
N PRO A 769 32.51 10.92 1.94
CA PRO A 769 33.31 11.24 3.13
C PRO A 769 32.81 10.45 4.34
N GLN A 770 33.51 10.61 5.45
CA GLN A 770 33.15 9.94 6.69
C GLN A 770 32.07 10.75 7.42
N GLU A 771 30.96 10.08 7.73
CA GLU A 771 29.84 10.72 8.41
C GLU A 771 29.99 10.60 9.92
N HIS A 772 29.59 11.65 10.63
CA HIS A 772 29.68 11.71 12.08
C HIS A 772 28.30 11.45 12.70
N LEU A 773 28.27 11.38 14.03
CA LEU A 773 27.05 11.13 14.77
C LEU A 773 26.94 12.12 15.92
N ILE A 774 25.70 12.37 16.35
CA ILE A 774 25.40 13.28 17.44
C ILE A 774 24.60 12.51 18.48
N ILE A 775 24.99 12.66 19.75
CA ILE A 775 24.33 12.00 20.87
C ILE A 775 23.87 13.06 21.86
N VAL A 776 22.61 12.97 22.28
CA VAL A 776 22.05 13.92 23.23
C VAL A 776 22.67 13.68 24.60
N HIS A 777 22.48 14.63 25.52
CA HIS A 777 23.07 14.53 26.85
C HIS A 777 22.38 13.45 27.67
N ALA A 778 21.09 13.61 27.90
CA ALA A 778 20.31 12.66 28.71
C ALA A 778 18.84 12.99 28.51
N THR A 779 17.98 12.32 29.28
CA THR A 779 16.54 12.52 29.21
C THR A 779 16.08 13.76 29.98
N HIS A 780 16.98 14.44 30.69
CA HIS A 780 16.60 15.62 31.46
C HIS A 780 16.18 16.75 30.53
N PRO A 781 15.38 17.70 31.02
CA PRO A 781 14.92 18.81 30.18
C PRO A 781 16.03 19.75 29.73
N GLU A 782 17.29 19.50 30.11
CA GLU A 782 18.42 20.34 29.70
C GLU A 782 19.13 19.78 28.47
N ARG A 783 18.41 19.09 27.59
CA ARG A 783 19.03 18.53 26.40
C ARG A 783 19.56 19.63 25.49
N GLY A 784 20.66 19.33 24.82
CA GLY A 784 21.25 20.24 23.86
C GLY A 784 21.57 19.57 22.54
N GLN A 785 22.38 20.23 21.72
CA GLN A 785 22.81 19.69 20.42
C GLN A 785 24.33 19.79 20.33
N PRO A 786 25.05 18.91 21.02
CA PRO A 786 26.53 18.98 20.97
C PRO A 786 27.08 18.62 19.60
N ALA A 787 28.39 18.68 19.45
CA ALA A 787 29.08 18.36 18.20
C ALA A 787 30.09 17.25 18.49
N SER A 788 29.77 16.03 18.07
CA SER A 788 30.61 14.87 18.28
C SER A 788 30.98 14.25 16.94
N LEU A 789 32.24 13.84 16.81
CA LEU A 789 32.73 13.24 15.58
C LEU A 789 32.53 11.72 15.63
N GLU A 790 32.96 11.04 14.57
CA GLU A 790 32.83 9.59 14.49
C GLU A 790 33.75 8.91 15.51
N SER A 820 27.76 15.45 2.58
CA SER A 820 29.11 15.36 3.15
C SER A 820 29.07 15.52 4.67
N ARG A 821 28.21 16.42 5.14
CA ARG A 821 28.05 16.69 6.57
C ARG A 821 26.83 16.00 7.16
N HIS A 822 26.21 15.07 6.42
CA HIS A 822 25.01 14.42 6.91
C HIS A 822 25.28 13.74 8.26
N LEU A 823 24.36 13.94 9.20
CA LEU A 823 24.51 13.40 10.54
C LEU A 823 23.90 12.01 10.62
N ALA A 824 24.23 11.31 11.70
CA ALA A 824 23.68 10.00 12.01
C ALA A 824 22.73 10.13 13.19
N LEU A 825 21.53 9.56 13.05
CA LEU A 825 20.50 9.66 14.07
C LEU A 825 20.50 8.40 14.92
N SER A 826 20.66 8.57 16.23
CA SER A 826 20.65 7.47 17.17
C SER A 826 19.28 7.36 17.84
N GLY A 827 19.05 6.22 18.48
CA GLY A 827 17.79 5.94 19.12
C GLY A 827 17.39 7.00 20.12
N PRO A 828 18.14 7.11 21.21
CA PRO A 828 17.79 8.10 22.24
C PRO A 828 17.71 9.52 21.72
N THR A 829 18.48 9.87 20.69
CA THR A 829 18.48 11.23 20.18
C THR A 829 17.06 11.66 19.81
N PHE A 830 16.47 11.01 18.80
CA PHE A 830 15.11 11.40 18.43
C PHE A 830 14.10 10.96 19.49
N GLY A 831 14.34 9.83 20.16
CA GLY A 831 13.44 9.42 21.21
C GLY A 831 13.26 10.48 22.28
N ILE A 832 14.25 11.36 22.43
CA ILE A 832 14.20 12.43 23.42
C ILE A 832 13.77 13.75 22.79
N ILE A 833 14.19 14.03 21.55
CA ILE A 833 13.88 15.31 20.94
C ILE A 833 12.56 15.22 20.16
N VAL A 834 11.80 14.15 20.38
CA VAL A 834 10.44 14.06 19.82
C VAL A 834 9.59 15.24 20.28
N LYS A 835 10.03 15.97 21.30
CA LYS A 835 9.32 17.15 21.77
C LYS A 835 9.57 18.31 20.82
N HIS A 836 9.39 19.54 21.33
CA HIS A 836 8.66 20.59 20.63
C HIS A 836 8.68 20.42 19.12
N PHE A 837 7.47 20.39 18.54
CA PHE A 837 7.21 20.16 17.13
C PHE A 837 7.82 21.26 16.26
N PRO A 838 7.70 22.55 16.63
CA PRO A 838 8.25 23.60 15.77
C PRO A 838 9.76 23.70 15.83
N LYS A 839 10.42 22.69 16.40
CA LYS A 839 11.88 22.60 16.39
C LYS A 839 12.42 22.06 15.07
N LEU A 840 11.61 22.09 14.01
CA LEU A 840 12.05 21.66 12.67
C LEU A 840 12.39 20.17 12.65
N LEU A 841 11.48 19.36 13.20
CA LEU A 841 11.65 17.92 13.12
C LEU A 841 11.67 17.42 11.69
N PRO A 842 10.75 17.83 10.80
CA PRO A 842 10.80 17.34 9.42
C PRO A 842 12.05 17.76 8.67
N LYS A 843 12.75 18.80 9.11
CA LYS A 843 13.90 19.33 8.40
C LYS A 843 15.21 18.64 8.76
N VAL A 844 15.18 17.69 9.71
CA VAL A 844 16.39 16.99 10.12
C VAL A 844 16.39 15.52 9.70
N LEU A 845 15.23 14.93 9.41
CA LEU A 845 15.21 13.53 8.99
C LEU A 845 15.90 13.35 7.64
N VAL A 846 15.72 14.31 6.73
CA VAL A 846 16.35 14.20 5.42
C VAL A 846 17.86 14.24 5.55
N GLN A 847 18.38 15.16 6.38
CA GLN A 847 19.83 15.25 6.57
C GLN A 847 20.40 14.00 7.25
N GLY A 848 19.56 13.24 7.97
CA GLY A 848 20.05 12.05 8.62
C GLY A 848 20.41 10.94 7.65
N THR A 849 21.24 10.02 8.12
CA THR A 849 21.72 8.90 7.31
C THR A 849 21.13 7.57 7.76
N VAL A 850 21.16 7.29 9.06
CA VAL A 850 20.70 6.01 9.59
C VAL A 850 19.78 6.26 10.77
N PHE A 851 18.66 5.52 10.81
CA PHE A 851 17.73 5.54 11.93
C PHE A 851 17.76 4.16 12.57
N ALA A 852 18.52 4.02 13.65
CA ALA A 852 18.74 2.73 14.30
C ALA A 852 18.59 2.89 15.81
N ARG A 853 18.82 1.79 16.52
CA ARG A 853 18.65 1.76 17.98
C ARG A 853 17.22 2.18 18.36
N MET A 854 16.26 1.76 17.53
CA MET A 854 14.87 2.20 17.65
C MET A 854 13.98 0.98 17.80
N ALA A 855 13.23 0.94 18.90
CA ALA A 855 12.40 -0.22 19.20
C ALA A 855 11.32 -0.38 18.14
N PRO A 856 11.01 -1.62 17.71
CA PRO A 856 10.05 -1.80 16.61
C PRO A 856 8.69 -1.18 16.88
N GLU A 857 8.38 -0.89 18.15
CA GLU A 857 7.08 -0.32 18.47
C GLU A 857 6.84 1.01 17.78
N GLN A 858 7.91 1.76 17.49
CA GLN A 858 7.81 3.05 16.85
C GLN A 858 8.04 2.98 15.34
N LYS A 859 8.08 1.78 14.77
CA LYS A 859 8.26 1.66 13.32
C LYS A 859 7.12 2.32 12.56
N THR A 860 5.88 2.10 13.01
CA THR A 860 4.74 2.72 12.34
C THR A 860 4.79 4.23 12.44
N GLU A 861 5.16 4.75 13.61
CA GLU A 861 5.27 6.20 13.78
C GLU A 861 6.35 6.78 12.86
N LEU A 862 7.50 6.11 12.77
CA LEU A 862 8.55 6.58 11.90
C LEU A 862 8.12 6.57 10.44
N VAL A 863 7.44 5.49 10.03
CA VAL A 863 6.98 5.40 8.65
C VAL A 863 5.97 6.50 8.35
N CYS A 864 5.04 6.75 9.28
CA CYS A 864 4.06 7.81 9.07
C CYS A 864 4.74 9.18 8.99
N GLU A 865 5.73 9.43 9.86
CA GLU A 865 6.43 10.70 9.81
C GLU A 865 7.16 10.87 8.48
N LEU A 866 7.81 9.82 8.00
CA LEU A 866 8.51 9.90 6.72
C LEU A 866 7.53 10.15 5.57
N GLN A 867 6.38 9.47 5.59
CA GLN A 867 5.42 9.60 4.51
C GLN A 867 4.61 10.88 4.58
N LYS A 868 4.62 11.58 5.71
CA LYS A 868 3.84 12.81 5.85
C LYS A 868 4.36 13.92 4.94
N LEU A 869 5.59 13.81 4.44
CA LEU A 869 6.18 14.82 3.58
C LEU A 869 6.12 14.42 2.10
N GLN A 870 5.09 13.67 1.71
CA GLN A 870 4.94 13.20 0.33
C GLN A 870 6.17 12.42 -0.13
N TYR A 871 6.79 11.68 0.79
CA TYR A 871 7.97 10.87 0.49
C TYR A 871 7.61 9.41 0.71
N CYS A 872 7.51 8.66 -0.38
CA CYS A 872 7.18 7.23 -0.30
C CYS A 872 8.46 6.46 0.03
N VAL A 873 8.56 5.97 1.26
CA VAL A 873 9.73 5.25 1.74
C VAL A 873 9.35 3.78 1.89
N GLY A 874 10.08 2.91 1.20
CA GLY A 874 9.84 1.49 1.30
C GLY A 874 10.49 0.88 2.52
N MET A 875 10.24 -0.42 2.69
CA MET A 875 10.78 -1.18 3.81
C MET A 875 11.38 -2.48 3.29
N CYS A 876 12.47 -2.93 3.92
CA CYS A 876 13.15 -4.16 3.54
C CYS A 876 13.59 -4.86 4.84
N GLY A 877 12.76 -5.77 5.32
CA GLY A 877 13.04 -6.47 6.55
C GLY A 877 12.26 -7.76 6.62
N ASP A 878 12.46 -8.48 7.71
CA ASP A 878 11.79 -9.75 7.95
C ASP A 878 11.60 -9.93 9.44
N GLY A 879 11.19 -11.14 9.84
CA GLY A 879 10.96 -11.42 11.24
C GLY A 879 9.66 -10.83 11.75
N ALA A 880 9.51 -10.86 13.07
CA ALA A 880 8.33 -10.33 13.74
C ALA A 880 8.50 -8.88 14.18
N ASN A 881 9.65 -8.27 13.90
CA ASN A 881 9.92 -6.89 14.28
C ASN A 881 9.61 -5.89 13.18
N ASP A 882 9.06 -6.34 12.05
CA ASP A 882 8.75 -5.47 10.92
C ASP A 882 7.30 -5.61 10.48
N CYS A 883 6.44 -6.22 11.30
CA CYS A 883 5.03 -6.37 10.94
C CYS A 883 4.37 -5.01 10.77
N GLY A 884 4.50 -4.15 11.79
CA GLY A 884 3.90 -2.83 11.70
C GLY A 884 4.51 -1.98 10.61
N ALA A 885 5.83 -2.09 10.43
CA ALA A 885 6.50 -1.30 9.40
C ALA A 885 5.96 -1.65 8.01
N LEU A 886 5.80 -2.94 7.73
CA LEU A 886 5.29 -3.35 6.43
C LEU A 886 3.80 -3.03 6.30
N LYS A 887 3.05 -3.19 7.39
CA LYS A 887 1.61 -2.91 7.33
C LYS A 887 1.34 -1.44 7.05
N ALA A 888 2.12 -0.55 7.67
CA ALA A 888 1.93 0.89 7.51
C ALA A 888 2.73 1.48 6.36
N ALA A 889 3.46 0.65 5.62
CA ALA A 889 4.27 1.11 4.50
C ALA A 889 3.58 0.78 3.18
N ASP A 890 3.56 1.75 2.26
CA ASP A 890 2.92 1.54 0.97
C ASP A 890 3.61 0.40 0.20
N VAL A 891 4.93 0.37 0.22
CA VAL A 891 5.71 -0.65 -0.46
C VAL A 891 6.64 -1.30 0.55
N GLY A 892 6.66 -2.64 0.56
CA GLY A 892 7.51 -3.37 1.47
C GLY A 892 8.24 -4.48 0.75
N ILE A 893 9.41 -4.82 1.29
CA ILE A 893 10.29 -5.84 0.73
C ILE A 893 10.58 -6.87 1.82
N SER A 894 10.48 -8.14 1.46
CA SER A 894 10.77 -9.24 2.39
C SER A 894 11.59 -10.29 1.68
N LEU A 895 12.42 -10.99 2.45
CA LEU A 895 13.30 -12.03 1.92
C LEU A 895 13.10 -13.38 2.56
N SER A 896 12.86 -13.43 3.88
CA SER A 896 12.68 -14.69 4.60
C SER A 896 11.25 -15.20 4.55
N GLN A 897 10.32 -14.45 3.95
CA GLN A 897 8.93 -14.86 3.87
C GLN A 897 8.72 -15.69 2.60
N ALA A 898 8.25 -16.93 2.79
CA ALA A 898 8.01 -17.84 1.70
C ALA A 898 6.54 -17.78 1.28
N GLU A 899 6.14 -18.67 0.38
CA GLU A 899 4.77 -18.70 -0.10
C GLU A 899 3.86 -19.38 0.92
N ALA A 900 2.56 -19.32 0.65
CA ALA A 900 1.54 -19.92 1.52
C ALA A 900 1.61 -19.34 2.94
N SER A 901 1.96 -18.06 3.05
CA SER A 901 2.03 -17.39 4.34
C SER A 901 1.64 -15.93 4.15
N VAL A 902 0.56 -15.51 4.80
CA VAL A 902 0.07 -14.14 4.67
C VAL A 902 0.33 -13.38 5.96
N VAL A 903 1.47 -12.69 6.02
CA VAL A 903 1.83 -11.86 7.15
C VAL A 903 2.08 -10.41 6.75
N SER A 904 2.77 -10.19 5.62
CA SER A 904 3.07 -8.88 5.10
C SER A 904 2.17 -8.56 3.91
N PRO A 905 1.86 -7.27 3.67
CA PRO A 905 1.05 -6.94 2.49
C PRO A 905 1.66 -7.41 1.19
N PHE A 906 2.98 -7.41 1.07
CA PHE A 906 3.68 -7.94 -0.08
C PHE A 906 4.42 -9.20 0.34
N THR A 907 4.13 -10.32 -0.33
CA THR A 907 4.70 -11.61 0.01
C THR A 907 5.73 -12.01 -1.04
N SER A 908 6.90 -12.44 -0.58
CA SER A 908 7.97 -12.87 -1.46
C SER A 908 7.84 -14.38 -1.71
N SER A 909 8.84 -14.95 -2.37
CA SER A 909 8.84 -16.38 -2.68
C SER A 909 9.87 -17.11 -1.82
N VAL A 916 18.12 -10.46 -1.35
CA VAL A 916 18.49 -9.06 -1.28
C VAL A 916 19.04 -8.50 -2.60
N PRO A 917 19.76 -9.29 -3.40
CA PRO A 917 20.38 -8.70 -4.59
C PRO A 917 19.37 -8.43 -5.70
N MET A 918 18.39 -9.32 -5.89
CA MET A 918 17.38 -9.16 -6.92
C MET A 918 16.17 -8.40 -6.37
N VAL A 919 16.42 -7.15 -5.97
CA VAL A 919 15.38 -6.29 -5.41
C VAL A 919 15.27 -5.03 -6.24
N ILE A 920 16.36 -4.27 -6.34
CA ILE A 920 16.33 -3.03 -7.10
C ILE A 920 16.12 -3.31 -8.59
N ARG A 921 16.68 -4.41 -9.10
CA ARG A 921 16.52 -4.72 -10.52
C ARG A 921 15.06 -4.86 -10.90
N GLU A 922 14.28 -5.55 -10.07
CA GLU A 922 12.85 -5.71 -10.31
C GLU A 922 12.01 -4.60 -9.71
N GLY A 923 12.61 -3.72 -8.90
CA GLY A 923 11.86 -2.64 -8.28
C GLY A 923 11.76 -1.40 -9.15
N ARG A 924 12.91 -0.83 -9.52
CA ARG A 924 12.90 0.37 -10.35
C ARG A 924 12.40 0.06 -11.75
N CYS A 925 12.76 -1.11 -12.28
CA CYS A 925 12.30 -1.47 -13.62
C CYS A 925 10.78 -1.55 -13.69
N SER A 926 10.15 -2.07 -12.64
CA SER A 926 8.69 -2.17 -12.63
C SER A 926 8.06 -0.79 -12.71
N LEU A 927 8.56 0.16 -11.93
CA LEU A 927 8.00 1.51 -11.95
C LEU A 927 8.24 2.19 -13.31
N ASP A 928 9.45 2.02 -13.86
CA ASP A 928 9.73 2.61 -15.16
C ASP A 928 8.81 2.04 -16.24
N THR A 929 8.59 0.73 -16.22
CA THR A 929 7.71 0.11 -17.20
C THR A 929 6.27 0.54 -17.01
N SER A 930 5.84 0.70 -15.75
CA SER A 930 4.49 1.19 -15.49
C SER A 930 4.30 2.58 -16.07
N PHE A 931 5.28 3.47 -15.83
CA PHE A 931 5.20 4.81 -16.41
C PHE A 931 5.18 4.75 -17.93
N SER A 932 6.03 3.91 -18.52
CA SER A 932 6.10 3.81 -19.97
C SER A 932 4.78 3.34 -20.56
N VAL A 933 4.17 2.32 -19.94
CA VAL A 933 2.91 1.80 -20.47
C VAL A 933 1.78 2.80 -20.27
N PHE A 934 1.77 3.51 -19.15
CA PHE A 934 0.76 4.55 -18.94
C PHE A 934 0.89 5.62 -20.02
N LYS A 935 2.11 6.02 -20.34
CA LYS A 935 2.32 6.96 -21.44
C LYS A 935 1.85 6.36 -22.76
N TYR A 936 2.18 5.09 -23.01
CA TYR A 936 1.77 4.43 -24.24
C TYR A 936 0.25 4.43 -24.38
N MET A 937 -0.47 4.35 -23.26
CA MET A 937 -1.93 4.38 -23.32
C MET A 937 -2.44 5.80 -23.57
N ALA A 938 -2.05 6.75 -22.72
CA ALA A 938 -2.55 8.11 -22.84
C ALA A 938 -2.25 8.68 -24.22
N LEU A 939 -0.99 8.54 -24.66
CA LEU A 939 -0.68 8.68 -26.07
C LEU A 939 -1.37 7.56 -26.82
N TYR A 940 -1.86 7.88 -28.02
CA TYR A 940 -2.69 7.00 -28.84
C TYR A 940 -4.10 6.87 -28.27
N SER A 941 -4.32 7.21 -27.00
CA SER A 941 -5.69 7.36 -26.54
C SER A 941 -6.24 8.71 -26.94
N LEU A 942 -5.44 9.76 -26.70
CA LEU A 942 -5.79 11.07 -27.26
C LEU A 942 -5.91 10.99 -28.77
N THR A 943 -5.06 10.18 -29.41
CA THR A 943 -5.12 10.04 -30.86
C THR A 943 -6.44 9.39 -31.30
N GLN A 944 -6.84 8.32 -30.62
CA GLN A 944 -8.12 7.70 -30.94
C GLN A 944 -9.27 8.68 -30.75
N PHE A 945 -9.24 9.44 -29.66
CA PHE A 945 -10.30 10.43 -29.42
C PHE A 945 -10.39 11.43 -30.56
N ILE A 946 -9.24 12.04 -30.92
CA ILE A 946 -9.27 13.09 -31.94
C ILE A 946 -9.64 12.50 -33.29
N SER A 947 -9.20 11.28 -33.58
CA SER A 947 -9.54 10.66 -34.86
C SER A 947 -11.04 10.37 -34.95
N VAL A 948 -11.63 9.85 -33.87
CA VAL A 948 -13.07 9.59 -33.87
C VAL A 948 -13.83 10.90 -34.00
N LEU A 949 -13.33 11.97 -33.38
CA LEU A 949 -14.03 13.25 -33.44
C LEU A 949 -13.88 13.95 -34.78
N ILE A 950 -12.80 13.68 -35.51
CA ILE A 950 -12.44 14.44 -36.70
C ILE A 950 -12.79 13.70 -37.99
N LEU A 951 -12.58 12.38 -38.01
CA LEU A 951 -12.71 11.62 -39.25
C LEU A 951 -14.16 11.56 -39.74
N TYR A 952 -15.11 11.99 -38.91
CA TYR A 952 -16.52 11.99 -39.29
C TYR A 952 -16.74 13.12 -40.28
N THR A 953 -16.39 12.86 -41.55
CA THR A 953 -16.47 13.85 -42.62
C THR A 953 -17.89 13.87 -43.18
N ILE A 954 -18.81 14.40 -42.38
CA ILE A 954 -20.19 14.71 -42.75
C ILE A 954 -20.93 13.50 -43.30
N ASN A 955 -20.39 12.84 -44.33
CA ASN A 955 -21.08 11.75 -45.00
C ASN A 955 -20.24 10.48 -45.05
N THR A 956 -19.27 10.33 -44.15
CA THR A 956 -18.43 9.15 -44.09
C THR A 956 -18.77 8.36 -42.84
N ASN A 957 -19.21 7.12 -43.03
CA ASN A 957 -19.60 6.25 -41.92
C ASN A 957 -18.44 5.47 -41.35
N LEU A 958 -17.24 5.56 -41.93
CA LEU A 958 -16.05 4.88 -41.43
C LEU A 958 -16.23 3.36 -41.43
N GLY A 959 -17.02 2.84 -42.38
CA GLY A 959 -17.20 1.41 -42.48
C GLY A 959 -17.94 0.82 -41.29
N ASP A 960 -19.24 1.13 -41.18
CA ASP A 960 -20.02 0.65 -40.05
C ASP A 960 -19.86 -0.85 -39.85
N LEU A 961 -19.98 -1.62 -40.94
CA LEU A 961 -19.76 -3.06 -40.87
C LEU A 961 -18.28 -3.42 -40.67
N GLN A 962 -17.38 -2.47 -40.91
CA GLN A 962 -15.95 -2.71 -40.78
C GLN A 962 -15.39 -2.16 -39.47
N PHE A 963 -16.25 -1.78 -38.52
CA PHE A 963 -15.76 -1.30 -37.24
C PHE A 963 -14.89 -2.35 -36.54
N LEU A 964 -15.18 -3.64 -36.77
CA LEU A 964 -14.37 -4.69 -36.18
C LEU A 964 -12.95 -4.69 -36.73
N ALA A 965 -12.72 -4.05 -37.89
CA ALA A 965 -11.39 -3.98 -38.47
C ALA A 965 -10.40 -3.23 -37.59
N ILE A 966 -10.88 -2.39 -36.67
CA ILE A 966 -10.03 -1.66 -35.75
C ILE A 966 -10.00 -2.33 -34.37
N ASP A 967 -11.13 -2.90 -33.94
CA ASP A 967 -11.13 -3.63 -32.68
C ASP A 967 -10.20 -4.84 -32.76
N LEU A 968 -10.25 -5.58 -33.88
CA LEU A 968 -9.25 -6.62 -34.11
C LEU A 968 -8.05 -6.07 -34.89
N VAL A 969 -7.60 -4.89 -34.48
CA VAL A 969 -6.25 -4.40 -34.78
C VAL A 969 -5.70 -3.83 -33.48
N ILE A 970 -6.57 -3.58 -32.50
CA ILE A 970 -6.18 -3.03 -31.23
C ILE A 970 -6.21 -4.06 -30.09
N THR A 971 -7.09 -5.06 -30.15
CA THR A 971 -7.28 -5.99 -29.03
C THR A 971 -6.62 -7.32 -29.38
N THR A 972 -5.57 -7.67 -28.62
CA THR A 972 -4.88 -8.95 -28.72
C THR A 972 -4.02 -9.04 -29.97
N THR A 973 -4.18 -8.09 -30.89
CA THR A 973 -3.34 -7.98 -32.09
C THR A 973 -3.48 -6.56 -32.64
N VAL A 974 -2.44 -5.73 -32.56
CA VAL A 974 -1.12 -5.94 -31.99
C VAL A 974 -0.76 -4.77 -31.07
N ALA A 975 -1.78 -4.09 -30.55
CA ALA A 975 -1.58 -2.88 -29.75
C ALA A 975 -1.40 -3.22 -28.27
N VAL A 976 -2.36 -3.92 -27.67
CA VAL A 976 -2.27 -4.31 -26.26
C VAL A 976 -1.11 -5.27 -26.01
N LEU A 977 -0.46 -5.75 -27.06
CA LEU A 977 0.68 -6.65 -26.94
C LEU A 977 1.93 -5.85 -26.55
N MET A 978 3.11 -6.45 -26.70
CA MET A 978 4.38 -5.87 -26.27
C MET A 978 4.31 -5.42 -24.82
N SER A 979 3.65 -6.22 -23.98
CA SER A 979 3.68 -6.02 -22.53
C SER A 979 4.82 -6.83 -21.91
N ARG A 980 6.01 -6.65 -22.46
CA ARG A 980 7.18 -7.42 -22.06
C ARG A 980 7.98 -6.69 -21.00
N THR A 981 8.83 -7.43 -20.30
CA THR A 981 9.74 -6.83 -19.33
C THR A 981 10.67 -5.86 -20.05
N GLY A 982 10.97 -4.74 -19.39
CA GLY A 982 11.69 -3.66 -20.01
C GLY A 982 13.03 -3.33 -19.38
N PRO A 983 13.82 -4.36 -19.02
CA PRO A 983 15.14 -4.06 -18.42
C PRO A 983 16.11 -3.49 -19.44
N ALA A 984 16.40 -2.19 -19.32
CA ALA A 984 17.30 -1.53 -20.26
C ALA A 984 18.76 -1.96 -20.08
N LEU A 985 19.07 -2.71 -19.03
CA LEU A 985 20.43 -3.16 -18.74
C LEU A 985 21.37 -1.99 -18.42
N VAL A 986 20.81 -0.84 -18.07
CA VAL A 986 21.60 0.34 -17.70
C VAL A 986 21.01 0.91 -16.41
N LEU A 987 21.88 1.53 -15.62
CA LEU A 987 21.51 2.10 -14.32
C LEU A 987 21.68 3.62 -14.33
N GLY A 988 21.25 4.26 -15.42
CA GLY A 988 21.37 5.70 -15.56
C GLY A 988 20.33 6.44 -14.73
N ARG A 989 20.31 7.77 -14.94
CA ARG A 989 19.42 8.66 -14.21
C ARG A 989 18.10 8.90 -14.94
N VAL A 990 17.67 7.95 -15.77
CA VAL A 990 16.41 8.11 -16.50
C VAL A 990 15.25 8.02 -15.52
N ARG A 991 14.33 8.99 -15.60
CA ARG A 991 13.17 9.04 -14.72
C ARG A 991 12.05 9.75 -15.45
N PRO A 992 11.22 9.00 -16.20
CA PRO A 992 10.11 9.64 -16.91
C PRO A 992 9.09 10.18 -15.94
N PRO A 993 8.37 11.25 -16.31
CA PRO A 993 7.35 11.79 -15.41
C PRO A 993 6.20 10.83 -15.21
N GLY A 994 5.61 10.89 -14.02
CA GLY A 994 4.48 10.03 -13.68
C GLY A 994 3.15 10.73 -13.74
N ALA A 995 3.10 11.90 -14.39
CA ALA A 995 1.89 12.70 -14.48
C ALA A 995 1.41 12.73 -15.93
N LEU A 996 0.08 12.70 -16.10
CA LEU A 996 -0.49 12.73 -17.44
C LEU A 996 -0.19 14.04 -18.15
N LEU A 997 -0.05 15.14 -17.40
CA LEU A 997 0.20 16.45 -17.97
C LEU A 997 1.68 16.82 -17.77
N SER A 998 2.28 17.36 -18.82
CA SER A 998 3.67 17.80 -18.79
C SER A 998 3.96 18.57 -20.06
N VAL A 999 4.86 19.55 -19.94
CA VAL A 999 5.16 20.43 -21.09
C VAL A 999 5.67 19.64 -22.28
N PRO A 1000 6.64 18.72 -22.15
CA PRO A 1000 7.15 18.01 -23.33
C PRO A 1000 6.10 17.13 -23.99
N VAL A 1001 5.42 16.32 -23.18
CA VAL A 1001 4.38 15.43 -23.73
C VAL A 1001 3.26 16.25 -24.35
N LEU A 1002 2.85 17.34 -23.68
CA LEU A 1002 1.79 18.18 -24.22
C LEU A 1002 2.19 18.79 -25.55
N SER A 1003 3.43 19.30 -25.64
CA SER A 1003 3.89 19.88 -26.90
C SER A 1003 3.95 18.84 -28.00
N SER A 1004 4.43 17.63 -27.67
CA SER A 1004 4.47 16.56 -28.67
C SER A 1004 3.07 16.21 -29.16
N LEU A 1005 2.11 16.14 -28.23
CA LEU A 1005 0.74 15.83 -28.61
C LEU A 1005 0.15 16.94 -29.47
N LEU A 1006 0.41 18.20 -29.12
CA LEU A 1006 -0.10 19.31 -29.93
C LEU A 1006 0.47 19.25 -31.35
N LEU A 1007 1.77 18.98 -31.47
CA LEU A 1007 2.37 18.85 -32.80
C LEU A 1007 1.75 17.66 -33.54
N GLN A 1008 1.48 16.56 -32.83
CA GLN A 1008 0.89 15.39 -33.47
C GLN A 1008 -0.49 15.70 -34.02
N MET A 1009 -1.35 16.34 -33.22
CA MET A 1009 -2.68 16.69 -33.74
C MET A 1009 -2.58 17.71 -34.86
N VAL A 1010 -1.63 18.66 -34.78
CA VAL A 1010 -1.48 19.61 -35.87
C VAL A 1010 -1.13 18.90 -37.16
N LEU A 1011 -0.17 17.97 -37.09
CA LEU A 1011 0.26 17.25 -38.29
C LEU A 1011 -0.85 16.37 -38.84
N VAL A 1012 -1.58 15.66 -37.98
CA VAL A 1012 -2.64 14.79 -38.48
C VAL A 1012 -3.75 15.62 -39.11
N THR A 1013 -4.12 16.74 -38.49
CA THR A 1013 -5.12 17.62 -39.09
C THR A 1013 -4.66 18.14 -40.44
N GLY A 1014 -3.39 18.56 -40.52
CA GLY A 1014 -2.89 19.08 -41.79
C GLY A 1014 -2.90 18.05 -42.89
N VAL A 1015 -2.44 16.84 -42.59
CA VAL A 1015 -2.40 15.79 -43.61
C VAL A 1015 -3.81 15.37 -44.00
N GLN A 1016 -4.74 15.32 -43.03
CA GLN A 1016 -6.12 14.99 -43.37
C GLN A 1016 -6.72 16.05 -44.27
N LEU A 1017 -6.47 17.33 -43.98
CA LEU A 1017 -6.99 18.39 -44.83
C LEU A 1017 -6.39 18.31 -46.23
N GLY A 1018 -5.09 18.03 -46.32
CA GLY A 1018 -4.47 17.89 -47.63
C GLY A 1018 -5.06 16.74 -48.42
N GLY A 1019 -5.27 15.60 -47.76
CA GLY A 1019 -5.89 14.47 -48.44
C GLY A 1019 -7.31 14.77 -48.90
N TYR A 1020 -8.08 15.46 -48.06
CA TYR A 1020 -9.44 15.83 -48.43
C TYR A 1020 -9.44 16.77 -49.63
N PHE A 1021 -8.54 17.75 -49.65
CA PHE A 1021 -8.47 18.69 -50.77
C PHE A 1021 -7.86 18.06 -52.01
N LEU A 1022 -7.14 16.93 -51.87
CA LEU A 1022 -6.57 16.27 -53.03
C LEU A 1022 -7.64 15.77 -53.99
N THR A 1023 -8.88 15.60 -53.53
CA THR A 1023 -9.95 15.12 -54.40
C THR A 1023 -10.28 16.12 -55.50
N LEU A 1024 -9.88 17.39 -55.35
CA LEU A 1024 -10.17 18.38 -56.37
C LEU A 1024 -9.52 18.02 -57.70
N ALA A 1025 -8.27 17.57 -57.66
CA ALA A 1025 -7.56 17.16 -58.87
C ALA A 1025 -7.82 15.70 -59.21
N GLN A 1026 -9.10 15.33 -59.27
CA GLN A 1026 -9.51 13.96 -59.55
C GLN A 1026 -10.92 14.00 -60.12
N PRO A 1027 -11.37 12.92 -60.77
CA PRO A 1027 -12.74 12.90 -61.29
C PRO A 1027 -13.75 13.12 -60.17
N TRP A 1028 -14.80 13.87 -60.49
CA TRP A 1028 -15.81 14.21 -59.49
C TRP A 1028 -16.47 12.95 -58.93
N PHE A 1029 -17.17 12.21 -59.79
CA PHE A 1029 -17.87 11.00 -59.39
C PHE A 1029 -18.80 11.28 -58.21
N VAL A 1030 -19.77 12.15 -58.45
CA VAL A 1030 -20.69 12.55 -57.38
C VAL A 1030 -21.48 11.33 -56.92
N PRO A 1031 -21.57 11.06 -55.60
CA PRO A 1031 -22.33 9.89 -55.15
C PRO A 1031 -23.83 10.10 -55.23
N LEU A 1032 -24.60 9.11 -54.75
CA LEU A 1032 -26.05 9.21 -54.77
C LEU A 1032 -26.51 10.43 -53.97
N ASN A 1033 -27.78 10.77 -54.14
CA ASN A 1033 -28.36 11.94 -53.49
C ASN A 1033 -28.68 11.61 -52.02
N ARG A 1034 -29.41 12.51 -51.36
CA ARG A 1034 -29.68 12.38 -49.94
C ARG A 1034 -30.73 11.30 -49.68
N THR A 1035 -31.35 11.33 -48.50
CA THR A 1035 -32.31 10.35 -48.02
C THR A 1035 -31.63 9.10 -47.48
N VAL A 1036 -30.30 9.09 -47.38
CA VAL A 1036 -29.59 8.01 -46.72
C VAL A 1036 -28.74 8.60 -45.61
N ALA A 1037 -27.81 9.48 -45.97
CA ALA A 1037 -27.02 10.26 -45.01
C ALA A 1037 -25.96 9.44 -44.28
N ALA A 1038 -25.92 8.12 -44.48
CA ALA A 1038 -24.91 7.30 -43.82
C ALA A 1038 -25.10 5.81 -44.07
N PRO A 1039 -26.17 5.19 -43.56
CA PRO A 1039 -26.24 3.72 -43.54
C PRO A 1039 -26.30 3.08 -44.91
N ASP A 1040 -26.31 3.84 -46.01
CA ASP A 1040 -26.35 3.23 -47.33
C ASP A 1040 -25.10 2.40 -47.61
N ASN A 1041 -24.00 2.67 -46.91
CA ASN A 1041 -22.76 1.90 -47.06
C ASN A 1041 -22.28 1.93 -48.52
N LEU A 1042 -21.90 3.13 -48.94
CA LEU A 1042 -21.48 3.40 -50.32
C LEU A 1042 -20.00 3.79 -50.39
N PRO A 1043 -19.10 2.89 -49.95
CA PRO A 1043 -17.67 3.19 -50.09
C PRO A 1043 -17.23 3.13 -51.54
N ASN A 1044 -16.99 4.29 -52.16
CA ASN A 1044 -16.64 4.36 -53.57
C ASN A 1044 -15.23 4.87 -53.79
N TYR A 1045 -14.91 6.09 -53.32
CA TYR A 1045 -13.59 6.66 -53.52
C TYR A 1045 -13.03 7.35 -52.29
N GLU A 1046 -13.77 7.42 -51.19
CA GLU A 1046 -13.29 8.15 -50.02
C GLU A 1046 -13.34 7.34 -48.73
N ASN A 1047 -14.37 6.51 -48.53
CA ASN A 1047 -14.54 5.84 -47.24
C ASN A 1047 -13.40 4.87 -46.98
N THR A 1048 -13.22 3.89 -47.88
CA THR A 1048 -12.15 2.92 -47.69
C THR A 1048 -10.78 3.59 -47.73
N VAL A 1049 -10.62 4.63 -48.55
CA VAL A 1049 -9.34 5.33 -48.62
C VAL A 1049 -8.99 5.93 -47.27
N VAL A 1050 -9.94 6.65 -46.65
CA VAL A 1050 -9.67 7.27 -45.36
C VAL A 1050 -9.48 6.20 -44.29
N PHE A 1051 -10.24 5.10 -44.37
CA PHE A 1051 -10.05 4.04 -43.39
C PHE A 1051 -8.65 3.46 -43.45
N SER A 1052 -8.18 3.14 -44.66
CA SER A 1052 -6.83 2.59 -44.81
C SER A 1052 -5.77 3.61 -44.39
N LEU A 1053 -5.96 4.88 -44.77
CA LEU A 1053 -4.99 5.90 -44.39
C LEU A 1053 -4.90 6.04 -42.88
N SER A 1054 -6.05 6.05 -42.20
CA SER A 1054 -6.06 6.17 -40.75
C SER A 1054 -5.41 4.95 -40.09
N SER A 1055 -5.70 3.75 -40.60
CA SER A 1055 -5.10 2.55 -40.03
C SER A 1055 -3.58 2.59 -40.18
N PHE A 1056 -3.10 2.96 -41.37
CA PHE A 1056 -1.66 3.04 -41.59
C PHE A 1056 -1.05 4.13 -40.71
N GLN A 1057 -1.76 5.23 -40.49
CA GLN A 1057 -1.26 6.28 -39.61
C GLN A 1057 -1.14 5.78 -38.17
N TYR A 1058 -2.13 5.02 -37.70
CA TYR A 1058 -2.02 4.43 -36.37
C TYR A 1058 -0.82 3.50 -36.29
N LEU A 1059 -0.62 2.66 -37.30
CA LEU A 1059 0.52 1.75 -37.27
C LEU A 1059 1.84 2.52 -37.28
N ILE A 1060 1.92 3.57 -38.08
CA ILE A 1060 3.16 4.35 -38.16
C ILE A 1060 3.43 5.04 -36.82
N LEU A 1061 2.39 5.60 -36.21
CA LEU A 1061 2.57 6.26 -34.91
C LEU A 1061 3.02 5.25 -33.86
N ALA A 1062 2.41 4.06 -33.85
CA ALA A 1062 2.81 3.04 -32.89
C ALA A 1062 4.26 2.63 -33.10
N ALA A 1063 4.67 2.46 -34.36
CA ALA A 1063 6.06 2.10 -34.64
C ALA A 1063 7.02 3.20 -34.21
N ALA A 1064 6.69 4.46 -34.47
CA ALA A 1064 7.59 5.57 -34.19
C ALA A 1064 7.51 6.06 -32.75
N VAL A 1065 6.31 6.02 -32.14
CA VAL A 1065 6.16 6.52 -30.77
C VAL A 1065 6.84 5.62 -29.74
N SER A 1066 7.31 4.44 -30.14
CA SER A 1066 7.91 3.52 -29.19
C SER A 1066 9.18 4.13 -28.58
N LYS A 1067 9.41 3.83 -27.32
CA LYS A 1067 10.58 4.35 -26.62
C LYS A 1067 11.85 3.70 -27.15
N GLY A 1068 12.98 4.35 -26.89
CA GLY A 1068 14.27 3.90 -27.37
C GLY A 1068 14.87 2.83 -26.48
N ALA A 1069 16.11 2.47 -26.80
CA ALA A 1069 16.81 1.43 -26.05
C ALA A 1069 16.95 1.77 -24.57
N PRO A 1070 17.41 2.96 -24.18
CA PRO A 1070 17.59 3.23 -22.73
C PRO A 1070 16.29 3.16 -21.94
N PHE A 1071 15.15 3.37 -22.57
CA PHE A 1071 13.86 3.33 -21.88
C PHE A 1071 13.28 1.91 -21.86
N ARG A 1072 13.25 1.25 -23.01
CA ARG A 1072 12.72 -0.10 -23.11
C ARG A 1072 13.56 -0.89 -24.11
N ARG A 1073 13.29 -2.19 -24.19
CA ARG A 1073 14.05 -3.05 -25.09
C ARG A 1073 13.77 -2.69 -26.55
N PRO A 1074 14.71 -2.97 -27.45
CA PRO A 1074 14.47 -2.66 -28.87
C PRO A 1074 13.30 -3.45 -29.43
N LEU A 1075 12.62 -2.84 -30.40
CA LEU A 1075 11.45 -3.46 -31.01
C LEU A 1075 11.79 -4.72 -31.79
N TYR A 1076 13.05 -4.92 -32.15
CA TYR A 1076 13.47 -6.09 -32.90
C TYR A 1076 13.90 -7.25 -32.01
N THR A 1077 13.80 -7.12 -30.69
CA THR A 1077 14.17 -8.19 -29.78
C THR A 1077 13.03 -9.17 -29.52
N ASN A 1078 11.79 -8.68 -29.53
CA ASN A 1078 10.62 -9.54 -29.31
C ASN A 1078 10.19 -10.12 -30.65
N VAL A 1079 10.59 -11.37 -30.91
CA VAL A 1079 10.29 -11.99 -32.20
C VAL A 1079 8.80 -12.08 -32.46
N PRO A 1080 7.96 -12.54 -31.53
CA PRO A 1080 6.52 -12.62 -31.83
C PRO A 1080 5.91 -11.29 -32.20
N PHE A 1081 6.24 -10.22 -31.47
CA PHE A 1081 5.68 -8.91 -31.76
C PHE A 1081 6.15 -8.40 -33.12
N LEU A 1082 7.43 -8.60 -33.43
CA LEU A 1082 7.93 -8.16 -34.74
C LEU A 1082 7.25 -8.92 -35.86
N VAL A 1083 7.04 -10.23 -35.68
CA VAL A 1083 6.36 -11.02 -36.69
C VAL A 1083 4.93 -10.55 -36.87
N ALA A 1084 4.23 -10.26 -35.77
CA ALA A 1084 2.86 -9.78 -35.87
C ALA A 1084 2.81 -8.43 -36.59
N LEU A 1085 3.73 -7.53 -36.26
CA LEU A 1085 3.75 -6.23 -36.92
C LEU A 1085 4.04 -6.38 -38.41
N ALA A 1086 4.98 -7.25 -38.76
CA ALA A 1086 5.29 -7.48 -40.17
C ALA A 1086 4.08 -8.04 -40.91
N LEU A 1087 3.38 -9.00 -40.30
CA LEU A 1087 2.20 -9.57 -40.93
C LEU A 1087 1.12 -8.51 -41.13
N LEU A 1088 0.90 -7.67 -40.10
CA LEU A 1088 -0.11 -6.62 -40.22
C LEU A 1088 0.25 -5.64 -41.33
N SER A 1089 1.53 -5.24 -41.39
CA SER A 1089 1.95 -4.31 -42.43
C SER A 1089 1.79 -4.93 -43.81
N SER A 1090 2.15 -6.20 -43.96
CA SER A 1090 2.05 -6.87 -45.26
C SER A 1090 0.60 -6.96 -45.70
N VAL A 1091 -0.31 -7.35 -44.79
CA VAL A 1091 -1.71 -7.48 -45.16
C VAL A 1091 -2.31 -6.11 -45.48
N LEU A 1092 -1.90 -5.07 -44.74
CA LEU A 1092 -2.38 -3.73 -45.04
C LEU A 1092 -1.90 -3.27 -46.41
N VAL A 1093 -0.64 -3.52 -46.74
CA VAL A 1093 -0.10 -3.10 -48.03
C VAL A 1093 -0.76 -3.88 -49.16
N GLY A 1094 -1.07 -5.16 -48.92
CA GLY A 1094 -1.67 -5.97 -49.97
C GLY A 1094 -2.98 -5.41 -50.49
N LEU A 1095 -3.74 -4.73 -49.62
CA LEU A 1095 -4.99 -4.13 -50.05
C LEU A 1095 -4.76 -3.07 -51.12
N VAL A 1096 -3.72 -2.25 -50.95
CA VAL A 1096 -3.41 -1.19 -51.92
C VAL A 1096 -2.36 -1.62 -52.93
N LEU A 1097 -1.72 -2.78 -52.74
CA LEU A 1097 -0.69 -3.22 -53.67
C LEU A 1097 -1.33 -3.73 -54.97
N VAL A 1098 -2.14 -4.77 -54.88
CA VAL A 1098 -2.82 -5.33 -56.05
C VAL A 1098 -4.13 -5.96 -55.59
N PRO A 1099 -5.22 -5.82 -56.36
CA PRO A 1099 -6.48 -6.46 -55.96
C PRO A 1099 -6.57 -7.90 -56.46
N GLY A 1100 -6.87 -8.83 -55.57
CA GLY A 1100 -6.98 -10.23 -55.90
C GLY A 1100 -8.32 -10.79 -55.47
N LEU A 1101 -8.28 -12.02 -54.95
CA LEU A 1101 -9.50 -12.68 -54.50
C LEU A 1101 -10.13 -11.98 -53.29
N LEU A 1102 -9.35 -11.21 -52.54
CA LEU A 1102 -9.89 -10.48 -51.40
C LEU A 1102 -10.94 -9.47 -51.80
N GLN A 1103 -10.90 -8.98 -53.05
CA GLN A 1103 -11.86 -7.99 -53.52
C GLN A 1103 -13.27 -8.53 -53.61
N GLY A 1104 -13.45 -9.85 -53.54
CA GLY A 1104 -14.77 -10.45 -53.68
C GLY A 1104 -15.67 -10.15 -52.50
N PRO A 1105 -15.32 -10.68 -51.32
CA PRO A 1105 -16.19 -10.47 -50.15
C PRO A 1105 -16.34 -9.00 -49.78
N LEU A 1106 -15.24 -8.27 -49.64
CA LEU A 1106 -15.32 -6.87 -49.23
C LEU A 1106 -15.87 -5.98 -50.34
N ALA A 1107 -15.68 -6.38 -51.61
CA ALA A 1107 -16.18 -5.63 -52.76
C ALA A 1107 -15.58 -4.22 -52.78
N LEU A 1108 -14.25 -4.17 -52.83
CA LEU A 1108 -13.54 -2.89 -52.91
C LEU A 1108 -13.70 -2.32 -54.31
N ARG A 1109 -13.99 -1.02 -54.38
CA ARG A 1109 -14.19 -0.35 -55.65
C ARG A 1109 -12.84 -0.01 -56.29
N ASN A 1110 -12.87 0.22 -57.60
CA ASN A 1110 -11.66 0.54 -58.33
C ASN A 1110 -11.14 1.92 -57.93
N ILE A 1111 -9.82 2.09 -58.08
CA ILE A 1111 -9.13 3.33 -57.74
C ILE A 1111 -8.35 3.78 -58.98
N THR A 1112 -8.45 5.07 -59.30
CA THR A 1112 -7.76 5.60 -60.46
C THR A 1112 -6.25 5.40 -60.32
N ASP A 1113 -5.61 5.01 -61.43
CA ASP A 1113 -4.18 4.73 -61.41
C ASP A 1113 -3.36 5.98 -61.15
N THR A 1114 -3.93 7.18 -61.32
CA THR A 1114 -3.16 8.40 -61.10
C THR A 1114 -2.68 8.50 -59.65
N GLY A 1115 -3.55 8.18 -58.70
CA GLY A 1115 -3.19 8.23 -57.30
C GLY A 1115 -3.31 6.88 -56.62
N PHE A 1116 -2.90 5.82 -57.32
CA PHE A 1116 -3.01 4.47 -56.80
C PHE A 1116 -1.71 3.92 -56.25
N LYS A 1117 -0.56 4.34 -56.80
CA LYS A 1117 0.72 3.80 -56.37
C LYS A 1117 1.81 4.83 -56.15
N LEU A 1118 1.61 6.10 -56.54
CA LEU A 1118 2.66 7.12 -56.46
C LEU A 1118 2.33 8.20 -55.45
N LEU A 1119 1.20 8.89 -55.61
CA LEU A 1119 0.90 10.04 -54.76
C LEU A 1119 0.68 9.62 -53.32
N LEU A 1120 -0.12 8.57 -53.10
CA LEU A 1120 -0.39 8.13 -51.73
C LEU A 1120 0.88 7.64 -51.06
N LEU A 1121 1.69 6.86 -51.77
CA LEU A 1121 2.94 6.37 -51.19
C LEU A 1121 3.86 7.54 -50.84
N GLY A 1122 4.00 8.51 -51.74
CA GLY A 1122 4.86 9.64 -51.47
C GLY A 1122 4.40 10.44 -50.26
N LEU A 1123 3.11 10.78 -50.21
CA LEU A 1123 2.63 11.58 -49.10
C LEU A 1123 2.73 10.82 -47.78
N VAL A 1124 2.41 9.52 -47.78
CA VAL A 1124 2.44 8.76 -46.54
C VAL A 1124 3.87 8.60 -46.04
N THR A 1125 4.83 8.33 -46.94
CA THR A 1125 6.21 8.17 -46.50
C THR A 1125 6.79 9.51 -46.03
N LEU A 1126 6.44 10.61 -46.71
CA LEU A 1126 6.89 11.92 -46.25
C LEU A 1126 6.33 12.23 -44.87
N ASN A 1127 5.05 11.94 -44.65
CA ASN A 1127 4.45 12.17 -43.33
C ASN A 1127 5.14 11.31 -42.27
N PHE A 1128 5.41 10.04 -42.60
CA PHE A 1128 6.07 9.16 -41.64
C PHE A 1128 7.44 9.67 -41.26
N VAL A 1129 8.26 10.04 -42.26
CA VAL A 1129 9.61 10.51 -41.96
C VAL A 1129 9.56 11.82 -41.19
N GLY A 1130 8.65 12.72 -41.56
CA GLY A 1130 8.53 13.97 -40.83
C GLY A 1130 8.13 13.75 -39.38
N ALA A 1131 7.16 12.88 -39.13
CA ALA A 1131 6.75 12.59 -37.77
C ALA A 1131 7.88 11.95 -36.97
N PHE A 1132 8.62 11.02 -37.58
CA PHE A 1132 9.74 10.39 -36.89
C PHE A 1132 10.81 11.42 -36.52
N MET A 1133 11.15 12.31 -37.46
CA MET A 1133 12.14 13.33 -37.18
C MET A 1133 11.66 14.27 -36.08
N LEU A 1134 10.38 14.67 -36.13
CA LEU A 1134 9.85 15.55 -35.10
C LEU A 1134 9.91 14.89 -33.74
N GLU A 1135 9.52 13.61 -33.65
CA GLU A 1135 9.58 12.92 -32.36
C GLU A 1135 11.01 12.80 -31.86
N SER A 1136 11.94 12.47 -32.75
CA SER A 1136 13.34 12.34 -32.34
C SER A 1136 13.89 13.66 -31.83
N VAL A 1137 13.55 14.76 -32.52
CA VAL A 1137 14.02 16.07 -32.08
C VAL A 1137 13.40 16.45 -30.74
N LEU A 1138 12.10 16.19 -30.58
CA LEU A 1138 11.39 16.66 -29.38
C LEU A 1138 11.75 15.85 -28.15
N ASP A 1139 11.99 14.55 -28.29
CA ASP A 1139 12.22 13.68 -27.15
C ASP A 1139 13.69 13.61 -26.74
N GLN A 1140 14.57 14.40 -27.36
CA GLN A 1140 16.00 14.29 -27.07
C GLN A 1140 16.38 15.08 -25.82
N CYS A 1141 16.32 16.42 -25.90
CA CYS A 1141 16.76 17.26 -24.80
C CYS A 1141 15.83 18.45 -24.59
N LEU A 1142 14.53 18.27 -24.86
CA LEU A 1142 13.60 19.41 -24.77
C LEU A 1142 13.36 19.82 -23.33
N PRO A 1143 12.84 18.96 -22.44
CA PRO A 1143 12.55 19.44 -21.08
C PRO A 1143 13.77 20.01 -20.36
N ALA A 1144 14.94 19.40 -20.53
CA ALA A 1144 16.14 19.89 -19.88
C ALA A 1144 16.45 21.32 -20.32
N CYS A 1145 16.75 21.49 -21.60
CA CYS A 1145 17.10 22.81 -22.11
C CYS A 1145 15.98 23.82 -21.90
N LEU A 1146 14.75 23.35 -21.70
CA LEU A 1146 13.62 24.26 -21.52
C LEU A 1146 13.55 24.78 -20.09
N ARG A 1147 13.42 23.88 -19.12
CA ARG A 1147 13.18 24.28 -17.73
C ARG A 1147 14.05 23.46 -16.77
N ARG A 1148 15.36 23.37 -17.05
CA ARG A 1148 16.25 22.69 -16.11
C ARG A 1148 16.32 23.43 -14.78
N LEU A 1149 16.39 24.76 -14.82
CA LEU A 1149 16.65 25.56 -13.63
C LEU A 1149 15.38 25.93 -12.88
N ARG A 1150 14.40 26.52 -13.56
CA ARG A 1150 13.19 27.04 -12.93
C ARG A 1150 11.97 26.45 -13.64
N PRO A 1151 11.58 25.21 -13.29
CA PRO A 1151 10.42 24.56 -13.91
C PRO A 1151 9.08 24.97 -13.29
N LYS A 1152 8.88 26.28 -13.11
CA LYS A 1152 7.63 26.83 -12.59
C LYS A 1152 7.24 26.17 -11.27
N ARG A 1153 8.07 26.42 -10.27
CA ARG A 1153 7.84 25.87 -8.94
C ARG A 1153 6.57 26.49 -8.35
N ALA A 1154 5.51 25.69 -8.27
CA ALA A 1154 4.23 26.14 -7.75
C ALA A 1154 3.78 25.34 -6.53
N SER A 1155 3.73 24.01 -6.64
CA SER A 1155 3.30 23.17 -5.53
C SER A 1155 4.15 21.91 -5.38
N LYS A 1156 5.27 21.79 -6.08
CA LYS A 1156 6.11 20.60 -6.00
C LYS A 1156 6.74 20.53 -4.60
N LYS A 1157 6.24 19.63 -3.77
CA LYS A 1157 6.71 19.54 -2.39
C LYS A 1157 8.13 18.98 -2.33
N ARG A 1158 8.39 17.90 -3.07
CA ARG A 1158 9.73 17.32 -3.06
C ARG A 1158 10.77 18.31 -3.57
N PHE A 1159 10.47 18.99 -4.68
CA PHE A 1159 11.36 20.04 -5.17
C PHE A 1159 11.45 21.19 -4.18
N LYS A 1160 10.38 21.44 -3.42
CA LYS A 1160 10.43 22.47 -2.38
C LYS A 1160 11.48 22.12 -1.33
N GLN A 1161 11.46 20.87 -0.84
CA GLN A 1161 12.49 20.46 0.10
C GLN A 1161 13.87 20.50 -0.53
N LEU A 1162 13.97 20.09 -1.80
CA LEU A 1162 15.27 20.11 -2.48
C LEU A 1162 15.83 21.53 -2.51
N GLU A 1163 15.00 22.51 -2.86
CA GLU A 1163 15.44 23.90 -2.87
C GLU A 1163 15.78 24.38 -1.46
N ARG A 1164 14.96 24.01 -0.48
CA ARG A 1164 15.22 24.46 0.89
C ARG A 1164 16.54 23.90 1.43
N GLU A 1165 16.93 22.72 0.97
CA GLU A 1165 18.17 22.12 1.46
C GLU A 1165 19.38 22.99 1.16
N LEU A 1166 19.30 23.80 0.09
CA LEU A 1166 20.43 24.66 -0.26
C LEU A 1166 20.73 25.67 0.85
N ALA A 1167 19.68 26.25 1.44
CA ALA A 1167 19.87 27.23 2.49
C ALA A 1167 20.47 26.63 3.75
N GLU A 1168 20.38 25.31 3.92
CA GLU A 1168 20.93 24.64 5.10
C GLU A 1168 22.38 24.23 4.93
N GLN A 1169 22.97 24.45 3.76
CA GLN A 1169 24.36 24.10 3.53
C GLN A 1169 25.28 25.28 3.82
#